data_2EM5
#
_entry.id   2EM5
#
loop_
_entity.id
_entity.type
_entity.pdbx_description
1 polymer 'Zinc finger protein 95 homolog'
2 non-polymer 'ZINC ION'
#
_entity_poly.entity_id   1
_entity_poly.type   'polypeptide(L)'
_entity_poly.pdbx_seq_one_letter_code
;GSSGSSGSSTKSHQCHECGRGFTLKSHLNQHQRIHTGEKPSGPSSG
;
_entity_poly.pdbx_strand_id   A
#
# COMPACT_ATOMS: atom_id res chain seq x y z
N GLY A 1 3.51 -21.01 24.12
CA GLY A 1 2.75 -20.86 22.89
C GLY A 1 3.17 -19.63 22.10
N SER A 2 2.78 -18.46 22.60
CA SER A 2 3.11 -17.21 21.93
C SER A 2 2.56 -17.19 20.49
N SER A 3 1.33 -17.67 20.34
CA SER A 3 0.70 -17.71 19.03
C SER A 3 0.21 -16.33 18.61
N GLY A 4 1.13 -15.51 18.12
CA GLY A 4 0.78 -14.17 17.68
C GLY A 4 1.93 -13.46 17.02
N SER A 5 2.58 -12.54 17.74
CA SER A 5 3.70 -11.79 17.21
C SER A 5 3.45 -11.42 15.75
N SER A 6 2.23 -10.98 15.45
CA SER A 6 1.86 -10.60 14.09
C SER A 6 2.49 -9.25 13.71
N GLY A 7 3.76 -9.29 13.35
CA GLY A 7 4.46 -8.06 12.98
C GLY A 7 5.77 -8.34 12.28
N SER A 8 5.70 -8.69 10.99
CA SER A 8 6.89 -8.99 10.21
C SER A 8 7.26 -7.80 9.31
N SER A 9 8.40 -7.91 8.64
CA SER A 9 8.87 -6.85 7.75
C SER A 9 9.47 -7.44 6.48
N THR A 10 8.86 -7.13 5.35
CA THR A 10 9.34 -7.62 4.06
C THR A 10 10.14 -6.56 3.33
N LYS A 11 9.76 -5.31 3.52
CA LYS A 11 10.45 -4.19 2.87
C LYS A 11 10.47 -2.96 3.79
N SER A 12 11.49 -2.13 3.61
CA SER A 12 11.63 -0.92 4.42
C SER A 12 10.36 -0.08 4.37
N HIS A 13 10.00 0.37 3.17
CA HIS A 13 8.81 1.18 2.97
C HIS A 13 7.61 0.32 2.62
N GLN A 14 6.71 0.11 3.58
CA GLN A 14 5.52 -0.69 3.37
C GLN A 14 4.26 0.15 3.48
N CYS A 15 3.25 -0.19 2.68
CA CYS A 15 2.00 0.55 2.69
C CYS A 15 1.03 -0.07 3.70
N HIS A 16 0.16 0.77 4.26
CA HIS A 16 -0.82 0.31 5.24
C HIS A 16 -2.22 0.24 4.62
N GLU A 17 -2.40 0.94 3.50
CA GLU A 17 -3.68 0.95 2.81
C GLU A 17 -3.99 -0.42 2.21
N CYS A 18 -2.97 -1.05 1.62
CA CYS A 18 -3.12 -2.35 1.01
C CYS A 18 -2.15 -3.36 1.62
N GLY A 19 -0.93 -2.91 1.87
CA GLY A 19 0.08 -3.79 2.45
C GLY A 19 1.19 -4.12 1.48
N ARG A 20 1.50 -3.18 0.60
CA ARG A 20 2.55 -3.38 -0.40
C ARG A 20 3.92 -3.01 0.17
N GLY A 21 4.98 -3.34 -0.57
CA GLY A 21 6.32 -3.04 -0.11
C GLY A 21 7.18 -2.45 -1.21
N PHE A 22 7.99 -1.46 -0.85
CA PHE A 22 8.87 -0.80 -1.81
C PHE A 22 10.24 -0.53 -1.20
N THR A 23 11.29 -0.72 -2.00
CA THR A 23 12.64 -0.48 -1.53
C THR A 23 12.95 1.00 -1.44
N LEU A 24 12.59 1.75 -2.48
CA LEU A 24 12.83 3.19 -2.52
C LEU A 24 11.59 3.95 -2.08
N LYS A 25 11.71 4.69 -0.99
CA LYS A 25 10.59 5.48 -0.47
C LYS A 25 9.75 6.06 -1.60
N SER A 26 10.41 6.74 -2.53
CA SER A 26 9.73 7.34 -3.67
C SER A 26 8.71 6.37 -4.26
N HIS A 27 9.17 5.17 -4.60
CA HIS A 27 8.31 4.15 -5.18
C HIS A 27 6.95 4.13 -4.49
N LEU A 28 6.95 3.76 -3.21
CA LEU A 28 5.71 3.70 -2.43
C LEU A 28 4.95 5.02 -2.53
N ASN A 29 5.60 6.11 -2.16
CA ASN A 29 4.97 7.42 -2.21
C ASN A 29 4.08 7.56 -3.44
N GLN A 30 4.63 7.24 -4.61
CA GLN A 30 3.88 7.32 -5.85
C GLN A 30 2.74 6.30 -5.87
N HIS A 31 2.98 5.15 -5.25
CA HIS A 31 1.97 4.10 -5.20
C HIS A 31 0.78 4.52 -4.34
N GLN A 32 1.06 4.92 -3.10
CA GLN A 32 0.02 5.35 -2.19
C GLN A 32 -0.99 6.25 -2.89
N ARG A 33 -0.53 6.98 -3.90
CA ARG A 33 -1.39 7.88 -4.65
C ARG A 33 -2.70 7.19 -5.04
N ILE A 34 -2.60 5.91 -5.41
CA ILE A 34 -3.77 5.14 -5.80
C ILE A 34 -4.86 5.22 -4.74
N HIS A 35 -4.45 5.25 -3.48
CA HIS A 35 -5.40 5.34 -2.38
C HIS A 35 -5.84 6.78 -2.15
N THR A 36 -4.94 7.73 -2.39
CA THR A 36 -5.24 9.13 -2.21
C THR A 36 -4.88 9.94 -3.46
N GLY A 37 -5.88 10.58 -4.05
CA GLY A 37 -5.65 11.38 -5.24
C GLY A 37 -5.63 12.87 -4.95
N GLU A 38 -6.34 13.63 -5.79
CA GLU A 38 -6.39 15.08 -5.61
C GLU A 38 -7.83 15.54 -5.38
N LYS A 39 -8.46 14.98 -4.35
CA LYS A 39 -9.84 15.33 -4.03
C LYS A 39 -10.66 15.58 -5.29
N PRO A 40 -10.65 14.60 -6.21
CA PRO A 40 -11.39 14.70 -7.47
C PRO A 40 -12.89 14.63 -7.27
N SER A 41 -13.64 15.22 -8.19
CA SER A 41 -15.10 15.22 -8.12
C SER A 41 -15.68 13.98 -8.79
N GLY A 42 -16.36 13.15 -8.01
CA GLY A 42 -16.95 11.94 -8.55
C GLY A 42 -17.19 10.89 -7.49
N PRO A 43 -18.01 9.88 -7.83
CA PRO A 43 -18.34 8.79 -6.91
C PRO A 43 -17.15 7.87 -6.65
N SER A 44 -16.64 7.90 -5.42
CA SER A 44 -15.50 7.08 -5.04
C SER A 44 -15.93 5.62 -4.85
N SER A 45 -15.54 4.77 -5.80
CA SER A 45 -15.87 3.36 -5.75
C SER A 45 -15.58 2.78 -4.37
N GLY A 46 -16.04 1.55 -4.13
CA GLY A 46 -15.81 0.91 -2.85
C GLY A 46 -14.37 1.02 -2.39
N GLY A 1 -8.28 -15.97 2.27
CA GLY A 1 -7.51 -15.19 3.23
C GLY A 1 -6.02 -15.39 3.06
N SER A 2 -5.34 -15.73 4.15
CA SER A 2 -3.89 -15.94 4.12
C SER A 2 -3.45 -16.79 5.30
N SER A 3 -2.22 -17.30 5.22
CA SER A 3 -1.67 -18.14 6.28
C SER A 3 -0.82 -17.31 7.24
N GLY A 4 -0.79 -17.73 8.50
CA GLY A 4 -0.01 -17.02 9.51
C GLY A 4 1.41 -17.55 9.62
N SER A 5 2.36 -16.80 9.08
CA SER A 5 3.76 -17.21 9.12
C SER A 5 4.60 -16.20 9.90
N SER A 6 5.77 -16.64 10.34
CA SER A 6 6.67 -15.77 11.12
C SER A 6 7.61 -15.00 10.19
N GLY A 7 7.18 -13.80 9.78
CA GLY A 7 8.00 -12.99 8.91
C GLY A 7 7.93 -13.45 7.46
N SER A 8 6.91 -12.99 6.74
CA SER A 8 6.74 -13.36 5.34
C SER A 8 7.56 -12.46 4.43
N SER A 9 7.26 -11.16 4.47
CA SER A 9 7.97 -10.19 3.64
C SER A 9 8.17 -8.88 4.40
N THR A 10 9.35 -8.29 4.24
CA THR A 10 9.67 -7.03 4.91
C THR A 10 10.47 -6.11 4.00
N LYS A 11 9.88 -4.98 3.62
CA LYS A 11 10.53 -4.02 2.75
C LYS A 11 10.78 -2.70 3.49
N SER A 12 11.86 -2.01 3.11
CA SER A 12 12.20 -0.75 3.73
C SER A 12 10.95 0.07 4.06
N HIS A 13 10.09 0.24 3.05
CA HIS A 13 8.86 0.99 3.22
C HIS A 13 7.65 0.15 2.84
N GLN A 14 6.70 0.03 3.77
CA GLN A 14 5.50 -0.75 3.54
C GLN A 14 4.25 0.14 3.57
N CYS A 15 3.31 -0.14 2.68
CA CYS A 15 2.07 0.64 2.63
C CYS A 15 1.13 0.24 3.75
N HIS A 16 0.12 1.08 4.00
CA HIS A 16 -0.85 0.82 5.05
C HIS A 16 -2.25 0.60 4.45
N GLU A 17 -2.45 1.07 3.23
CA GLU A 17 -3.72 0.93 2.55
C GLU A 17 -3.92 -0.49 2.04
N CYS A 18 -2.86 -1.06 1.48
CA CYS A 18 -2.90 -2.41 0.95
C CYS A 18 -1.88 -3.31 1.65
N GLY A 19 -0.72 -2.74 1.94
CA GLY A 19 0.32 -3.51 2.61
C GLY A 19 1.41 -3.97 1.65
N ARG A 20 1.66 -3.17 0.62
CA ARG A 20 2.68 -3.50 -0.38
C ARG A 20 4.08 -3.18 0.15
N GLY A 21 5.09 -3.54 -0.63
CA GLY A 21 6.47 -3.29 -0.23
C GLY A 21 7.27 -2.65 -1.34
N PHE A 22 7.96 -1.55 -1.01
CA PHE A 22 8.78 -0.85 -1.98
C PHE A 22 10.17 -0.56 -1.42
N THR A 23 11.20 -0.92 -2.17
CA THR A 23 12.58 -0.69 -1.75
C THR A 23 12.86 0.79 -1.58
N LEU A 24 12.51 1.58 -2.59
CA LEU A 24 12.72 3.01 -2.55
C LEU A 24 11.51 3.74 -1.98
N LYS A 25 11.76 4.65 -1.05
CA LYS A 25 10.69 5.42 -0.41
C LYS A 25 9.78 6.05 -1.47
N SER A 26 10.39 6.69 -2.45
CA SER A 26 9.63 7.33 -3.52
C SER A 26 8.58 6.39 -4.10
N HIS A 27 9.02 5.19 -4.50
CA HIS A 27 8.13 4.19 -5.06
C HIS A 27 6.81 4.15 -4.30
N LEU A 28 6.88 3.79 -3.03
CA LEU A 28 5.68 3.71 -2.19
C LEU A 28 4.91 5.03 -2.21
N ASN A 29 5.65 6.13 -2.08
CA ASN A 29 5.04 7.46 -2.09
C ASN A 29 4.17 7.65 -3.32
N GLN A 30 4.74 7.34 -4.49
CA GLN A 30 4.01 7.49 -5.75
C GLN A 30 2.97 6.38 -5.91
N HIS A 31 2.99 5.42 -4.99
CA HIS A 31 2.06 4.30 -5.03
C HIS A 31 0.80 4.62 -4.23
N GLN A 32 0.97 5.37 -3.14
CA GLN A 32 -0.15 5.74 -2.29
C GLN A 32 -1.15 6.60 -3.05
N ARG A 33 -0.75 7.06 -4.23
CA ARG A 33 -1.61 7.89 -5.06
C ARG A 33 -2.85 7.12 -5.51
N ILE A 34 -2.80 5.80 -5.38
CA ILE A 34 -3.92 4.94 -5.77
C ILE A 34 -4.97 4.87 -4.68
N HIS A 35 -4.53 5.05 -3.43
CA HIS A 35 -5.44 5.01 -2.29
C HIS A 35 -5.94 6.41 -1.94
N THR A 36 -5.09 7.41 -2.16
CA THR A 36 -5.44 8.79 -1.87
C THR A 36 -6.48 9.31 -2.85
N GLY A 37 -7.49 10.00 -2.32
CA GLY A 37 -8.54 10.54 -3.17
C GLY A 37 -9.78 10.93 -2.38
N GLU A 38 -10.82 11.33 -3.10
CA GLU A 38 -12.08 11.73 -2.46
C GLU A 38 -12.81 10.52 -1.88
N LYS A 39 -12.98 10.52 -0.56
CA LYS A 39 -13.66 9.42 0.12
C LYS A 39 -14.36 9.92 1.38
N PRO A 40 -15.57 9.38 1.63
CA PRO A 40 -16.36 9.75 2.81
C PRO A 40 -15.76 9.24 4.10
N SER A 41 -16.02 9.95 5.20
CA SER A 41 -15.50 9.57 6.50
C SER A 41 -13.99 9.36 6.44
N GLY A 42 -13.30 10.25 5.72
CA GLY A 42 -11.86 10.16 5.60
C GLY A 42 -11.14 10.69 6.82
N PRO A 43 -11.26 12.01 7.06
CA PRO A 43 -10.62 12.67 8.19
C PRO A 43 -11.24 12.27 9.52
N SER A 44 -10.51 12.49 10.61
CA SER A 44 -10.99 12.16 11.94
C SER A 44 -10.39 13.09 12.99
N SER A 45 -11.22 13.52 13.93
CA SER A 45 -10.78 14.43 14.98
C SER A 45 -9.41 14.01 15.52
N GLY A 46 -9.30 12.75 15.92
CA GLY A 46 -8.04 12.25 16.44
C GLY A 46 -7.29 13.29 17.24
N GLY A 1 -5.59 -19.20 1.14
CA GLY A 1 -4.73 -19.73 0.11
C GLY A 1 -4.81 -18.94 -1.18
N SER A 2 -3.97 -17.93 -1.32
CA SER A 2 -3.95 -17.08 -2.50
C SER A 2 -2.54 -16.95 -3.06
N SER A 3 -2.45 -16.56 -4.32
CA SER A 3 -1.15 -16.40 -4.99
C SER A 3 -0.44 -15.15 -4.47
N GLY A 4 0.88 -15.11 -4.66
CA GLY A 4 1.66 -13.98 -4.22
C GLY A 4 2.82 -13.67 -5.14
N SER A 5 3.84 -13.01 -4.61
CA SER A 5 5.02 -12.65 -5.40
C SER A 5 6.28 -12.67 -4.54
N SER A 6 7.12 -13.69 -4.77
CA SER A 6 8.35 -13.83 -4.01
C SER A 6 9.54 -13.29 -4.80
N GLY A 7 9.84 -12.01 -4.61
CA GLY A 7 10.94 -11.39 -5.31
C GLY A 7 11.75 -10.47 -4.42
N SER A 8 11.06 -9.67 -3.61
CA SER A 8 11.72 -8.73 -2.71
C SER A 8 11.78 -9.29 -1.30
N SER A 9 12.87 -9.98 -0.98
CA SER A 9 13.04 -10.57 0.34
C SER A 9 13.17 -9.49 1.41
N THR A 10 14.20 -8.66 1.29
CA THR A 10 14.44 -7.59 2.24
C THR A 10 13.81 -6.28 1.77
N LYS A 11 12.55 -6.07 2.15
CA LYS A 11 11.83 -4.86 1.77
C LYS A 11 12.28 -3.67 2.61
N SER A 12 11.83 -2.48 2.23
CA SER A 12 12.19 -1.26 2.95
C SER A 12 10.94 -0.57 3.49
N HIS A 13 10.12 -0.06 2.58
CA HIS A 13 8.88 0.64 2.96
C HIS A 13 7.67 -0.22 2.67
N GLN A 14 6.65 -0.11 3.51
CA GLN A 14 5.42 -0.88 3.34
C GLN A 14 4.20 0.03 3.39
N CYS A 15 3.25 -0.23 2.49
CA CYS A 15 2.03 0.57 2.42
C CYS A 15 1.08 0.20 3.55
N HIS A 16 0.24 1.16 3.95
CA HIS A 16 -0.73 0.93 5.01
C HIS A 16 -2.14 0.78 4.46
N GLU A 17 -2.35 1.26 3.24
CA GLU A 17 -3.65 1.17 2.59
C GLU A 17 -3.93 -0.26 2.13
N CYS A 18 -2.93 -0.89 1.51
CA CYS A 18 -3.08 -2.25 1.02
C CYS A 18 -2.12 -3.19 1.76
N GLY A 19 -0.92 -2.71 2.04
CA GLY A 19 0.06 -3.52 2.74
C GLY A 19 1.21 -3.95 1.84
N ARG A 20 1.35 -3.28 0.71
CA ARG A 20 2.41 -3.60 -0.24
C ARG A 20 3.76 -3.16 0.30
N GLY A 21 4.81 -3.37 -0.50
CA GLY A 21 6.15 -2.99 -0.09
C GLY A 21 7.00 -2.52 -1.25
N PHE A 22 7.87 -1.55 -0.98
CA PHE A 22 8.75 -1.01 -2.01
C PHE A 22 10.14 -0.75 -1.45
N THR A 23 11.12 -0.65 -2.35
CA THR A 23 12.51 -0.40 -1.95
C THR A 23 12.75 1.08 -1.71
N LEU A 24 12.59 1.87 -2.76
CA LEU A 24 12.79 3.31 -2.67
C LEU A 24 11.62 3.99 -1.97
N LYS A 25 11.92 5.01 -1.16
CA LYS A 25 10.90 5.74 -0.43
C LYS A 25 9.90 6.39 -1.39
N SER A 26 10.41 6.92 -2.49
CA SER A 26 9.57 7.58 -3.48
C SER A 26 8.59 6.59 -4.10
N HIS A 27 9.08 5.40 -4.41
CA HIS A 27 8.25 4.36 -5.00
C HIS A 27 6.93 4.21 -4.24
N LEU A 28 7.03 3.78 -2.99
CA LEU A 28 5.85 3.60 -2.15
C LEU A 28 5.00 4.87 -2.13
N ASN A 29 5.65 6.00 -1.87
CA ASN A 29 4.95 7.29 -1.81
C ASN A 29 4.09 7.49 -3.06
N GLN A 30 4.68 7.27 -4.22
CA GLN A 30 3.97 7.42 -5.49
C GLN A 30 2.88 6.37 -5.63
N HIS A 31 3.12 5.19 -5.06
CA HIS A 31 2.14 4.10 -5.12
C HIS A 31 0.92 4.42 -4.27
N GLN A 32 1.14 5.08 -3.14
CA GLN A 32 0.05 5.43 -2.24
C GLN A 32 -0.96 6.32 -2.94
N ARG A 33 -0.61 6.79 -4.13
CA ARG A 33 -1.49 7.66 -4.91
C ARG A 33 -2.71 6.89 -5.39
N ILE A 34 -2.60 5.56 -5.40
CA ILE A 34 -3.70 4.71 -5.85
C ILE A 34 -4.78 4.58 -4.77
N HIS A 35 -4.46 5.08 -3.57
CA HIS A 35 -5.40 5.03 -2.45
C HIS A 35 -5.90 6.42 -2.09
N THR A 36 -5.05 7.42 -2.32
CA THR A 36 -5.41 8.80 -2.02
C THR A 36 -6.76 9.17 -2.62
N GLY A 37 -7.64 9.73 -1.79
CA GLY A 37 -8.95 10.12 -2.26
C GLY A 37 -8.90 11.21 -3.32
N GLU A 38 -9.66 11.02 -4.39
CA GLU A 38 -9.70 12.00 -5.48
C GLU A 38 -11.09 12.61 -5.62
N LYS A 39 -11.34 13.66 -4.84
CA LYS A 39 -12.62 14.34 -4.89
C LYS A 39 -13.77 13.34 -5.07
N PRO A 40 -13.80 12.31 -4.21
CA PRO A 40 -14.83 11.28 -4.26
C PRO A 40 -16.20 11.79 -3.83
N SER A 41 -17.17 10.90 -3.80
CA SER A 41 -18.53 11.26 -3.40
C SER A 41 -18.84 10.79 -1.99
N GLY A 42 -18.78 11.71 -1.04
CA GLY A 42 -19.04 11.38 0.35
C GLY A 42 -17.82 10.83 1.06
N PRO A 43 -16.93 11.75 1.48
CA PRO A 43 -15.70 11.38 2.19
C PRO A 43 -15.97 10.86 3.60
N SER A 44 -16.79 11.58 4.34
CA SER A 44 -17.14 11.19 5.71
C SER A 44 -15.91 10.64 6.44
N SER A 45 -14.78 11.34 6.29
CA SER A 45 -13.55 10.93 6.93
C SER A 45 -13.55 11.29 8.41
N GLY A 46 -13.76 12.57 8.70
CA GLY A 46 -13.79 13.02 10.08
C GLY A 46 -12.59 13.87 10.43
N GLY A 1 -13.68 -19.65 10.42
CA GLY A 1 -12.49 -18.84 10.49
C GLY A 1 -11.68 -18.87 9.21
N SER A 2 -11.48 -17.71 8.62
CA SER A 2 -10.73 -17.60 7.36
C SER A 2 -9.71 -16.46 7.44
N SER A 3 -8.55 -16.67 6.85
CA SER A 3 -7.49 -15.67 6.84
C SER A 3 -6.46 -15.97 5.75
N GLY A 4 -5.70 -14.94 5.38
CA GLY A 4 -4.69 -15.11 4.36
C GLY A 4 -3.80 -13.89 4.21
N SER A 5 -2.66 -13.90 4.90
CA SER A 5 -1.72 -12.78 4.86
C SER A 5 -1.48 -12.34 3.41
N SER A 6 -1.61 -11.05 3.16
CA SER A 6 -1.41 -10.50 1.83
C SER A 6 0.07 -10.50 1.46
N GLY A 7 0.53 -11.63 0.91
CA GLY A 7 1.92 -11.75 0.51
C GLY A 7 2.85 -11.83 1.71
N SER A 8 3.77 -12.78 1.66
CA SER A 8 4.73 -12.96 2.76
C SER A 8 6.07 -12.31 2.42
N SER A 9 6.18 -11.01 2.68
CA SER A 9 7.40 -10.27 2.41
C SER A 9 7.30 -8.85 2.94
N THR A 10 8.27 -8.49 3.79
CA THR A 10 8.29 -7.15 4.39
C THR A 10 9.41 -6.31 3.79
N LYS A 11 9.08 -5.09 3.40
CA LYS A 11 10.05 -4.17 2.81
C LYS A 11 10.25 -2.94 3.69
N SER A 12 11.40 -2.30 3.55
CA SER A 12 11.71 -1.11 4.34
C SER A 12 10.47 -0.24 4.52
N HIS A 13 9.89 0.20 3.40
CA HIS A 13 8.70 1.03 3.44
C HIS A 13 7.48 0.26 2.96
N GLN A 14 6.66 -0.18 3.91
CA GLN A 14 5.45 -0.94 3.59
C GLN A 14 4.21 -0.03 3.64
N CYS A 15 3.35 -0.16 2.64
CA CYS A 15 2.14 0.63 2.58
C CYS A 15 1.19 0.29 3.73
N HIS A 16 0.22 1.15 3.97
CA HIS A 16 -0.75 0.93 5.03
C HIS A 16 -2.14 0.65 4.46
N GLU A 17 -2.37 1.12 3.24
CA GLU A 17 -3.66 0.93 2.58
C GLU A 17 -3.81 -0.50 2.09
N CYS A 18 -2.73 -1.04 1.52
CA CYS A 18 -2.74 -2.41 1.01
C CYS A 18 -1.69 -3.26 1.71
N GLY A 19 -0.53 -2.66 1.99
CA GLY A 19 0.55 -3.37 2.64
C GLY A 19 1.63 -3.83 1.69
N ARG A 20 1.72 -3.14 0.55
CA ARG A 20 2.73 -3.47 -0.46
C ARG A 20 4.13 -3.11 0.02
N GLY A 21 5.13 -3.72 -0.59
CA GLY A 21 6.51 -3.45 -0.21
C GLY A 21 7.28 -2.75 -1.31
N PHE A 22 7.87 -1.61 -0.97
CA PHE A 22 8.65 -0.84 -1.94
C PHE A 22 10.06 -0.58 -1.43
N THR A 23 11.06 -0.92 -2.25
CA THR A 23 12.45 -0.73 -1.87
C THR A 23 12.78 0.76 -1.72
N LEU A 24 12.38 1.54 -2.71
CA LEU A 24 12.63 2.98 -2.70
C LEU A 24 11.43 3.74 -2.15
N LYS A 25 11.67 4.55 -1.11
CA LYS A 25 10.60 5.33 -0.50
C LYS A 25 9.75 6.01 -1.55
N SER A 26 10.40 6.65 -2.53
CA SER A 26 9.69 7.34 -3.60
C SER A 26 8.60 6.45 -4.19
N HIS A 27 8.94 5.19 -4.44
CA HIS A 27 7.99 4.24 -5.01
C HIS A 27 6.71 4.18 -4.18
N LEU A 28 6.86 3.80 -2.91
CA LEU A 28 5.72 3.71 -2.01
C LEU A 28 4.90 4.99 -2.03
N ASN A 29 5.58 6.13 -2.01
CA ASN A 29 4.91 7.42 -2.04
C ASN A 29 4.01 7.55 -3.27
N GLN A 30 4.61 7.54 -4.45
CA GLN A 30 3.87 7.65 -5.70
C GLN A 30 2.86 6.51 -5.84
N HIS A 31 3.03 5.48 -5.00
CA HIS A 31 2.15 4.33 -5.04
C HIS A 31 0.85 4.61 -4.27
N GLN A 32 0.99 5.26 -3.12
CA GLN A 32 -0.17 5.59 -2.29
C GLN A 32 -1.16 6.44 -3.07
N ARG A 33 -0.67 7.15 -4.08
CA ARG A 33 -1.52 8.01 -4.90
C ARG A 33 -2.70 7.23 -5.45
N ILE A 34 -2.62 5.91 -5.40
CA ILE A 34 -3.69 5.05 -5.88
C ILE A 34 -4.85 4.99 -4.89
N HIS A 35 -4.52 4.95 -3.61
CA HIS A 35 -5.53 4.91 -2.56
C HIS A 35 -6.11 6.30 -2.30
N THR A 36 -5.30 7.33 -2.55
CA THR A 36 -5.74 8.70 -2.33
C THR A 36 -5.82 9.46 -3.65
N GLY A 37 -6.26 8.78 -4.70
CA GLY A 37 -6.39 9.40 -6.01
C GLY A 37 -7.62 8.94 -6.76
N GLU A 38 -7.40 8.23 -7.86
CA GLU A 38 -8.50 7.73 -8.68
C GLU A 38 -9.27 6.65 -7.94
N LYS A 39 -10.52 6.41 -8.37
CA LYS A 39 -11.36 5.40 -7.75
C LYS A 39 -11.14 5.35 -6.24
N PRO A 40 -11.29 6.51 -5.59
CA PRO A 40 -11.11 6.63 -4.14
C PRO A 40 -12.23 5.95 -3.37
N SER A 41 -12.16 6.03 -2.04
CA SER A 41 -13.17 5.41 -1.18
C SER A 41 -14.42 6.28 -1.10
N GLY A 42 -15.52 5.69 -0.61
CA GLY A 42 -16.76 6.41 -0.50
C GLY A 42 -17.30 6.40 0.92
N PRO A 43 -16.62 7.14 1.83
CA PRO A 43 -17.02 7.22 3.23
C PRO A 43 -18.32 8.02 3.41
N SER A 44 -19.22 7.48 4.24
CA SER A 44 -20.50 8.14 4.51
C SER A 44 -20.97 7.85 5.93
N SER A 45 -21.81 8.74 6.45
CA SER A 45 -22.33 8.59 7.80
C SER A 45 -22.94 7.21 8.00
N GLY A 46 -22.95 6.73 9.24
CA GLY A 46 -23.51 5.43 9.54
C GLY A 46 -22.70 4.68 10.58
N GLY A 1 -2.43 -29.98 14.11
CA GLY A 1 -2.52 -29.02 13.03
C GLY A 1 -1.42 -27.97 13.11
N SER A 2 -1.01 -27.45 11.94
CA SER A 2 0.04 -26.45 11.88
C SER A 2 -0.18 -25.51 10.69
N SER A 3 0.13 -24.24 10.87
CA SER A 3 -0.03 -23.26 9.81
C SER A 3 1.24 -23.15 8.97
N GLY A 4 1.13 -22.48 7.83
CA GLY A 4 2.28 -22.33 6.94
C GLY A 4 2.69 -20.88 6.80
N SER A 5 3.61 -20.43 7.64
CA SER A 5 4.09 -19.05 7.60
C SER A 5 4.89 -18.80 6.33
N SER A 6 4.19 -18.52 5.24
CA SER A 6 4.83 -18.26 3.95
C SER A 6 4.60 -16.82 3.52
N GLY A 7 5.45 -15.91 4.02
CA GLY A 7 5.32 -14.51 3.67
C GLY A 7 6.38 -13.65 4.33
N SER A 8 7.61 -14.17 4.38
CA SER A 8 8.71 -13.44 5.00
C SER A 8 9.31 -12.44 4.03
N SER A 9 9.36 -11.17 4.44
CA SER A 9 9.92 -10.11 3.61
C SER A 9 10.15 -8.85 4.42
N THR A 10 11.42 -8.50 4.61
CA THR A 10 11.79 -7.31 5.37
C THR A 10 11.91 -6.09 4.46
N LYS A 11 10.79 -5.43 4.20
CA LYS A 11 10.78 -4.25 3.34
C LYS A 11 10.92 -2.98 4.17
N SER A 12 11.63 -2.00 3.63
CA SER A 12 11.84 -0.73 4.33
C SER A 12 10.54 0.06 4.40
N HIS A 13 10.05 0.51 3.26
CA HIS A 13 8.81 1.28 3.20
C HIS A 13 7.64 0.40 2.75
N GLN A 14 6.63 0.30 3.59
CA GLN A 14 5.45 -0.51 3.28
C GLN A 14 4.18 0.33 3.34
N CYS A 15 3.22 0.01 2.48
CA CYS A 15 1.96 0.74 2.43
C CYS A 15 1.07 0.34 3.60
N HIS A 16 0.07 1.17 3.90
CA HIS A 16 -0.85 0.91 4.99
C HIS A 16 -2.26 0.67 4.46
N GLU A 17 -2.50 1.09 3.22
CA GLU A 17 -3.81 0.92 2.60
C GLU A 17 -3.99 -0.50 2.07
N CYS A 18 -2.93 -1.03 1.47
CA CYS A 18 -2.96 -2.38 0.91
C CYS A 18 -1.92 -3.27 1.59
N GLY A 19 -0.78 -2.69 1.93
CA GLY A 19 0.28 -3.44 2.58
C GLY A 19 1.38 -3.85 1.61
N ARG A 20 1.53 -3.09 0.53
CA ARG A 20 2.55 -3.37 -0.47
C ARG A 20 3.93 -2.95 0.03
N GLY A 21 4.97 -3.46 -0.64
CA GLY A 21 6.33 -3.13 -0.25
C GLY A 21 7.11 -2.49 -1.38
N PHE A 22 7.96 -1.53 -1.03
CA PHE A 22 8.77 -0.83 -2.02
C PHE A 22 10.16 -0.52 -1.46
N THR A 23 11.19 -0.95 -2.19
CA THR A 23 12.57 -0.72 -1.77
C THR A 23 12.86 0.77 -1.66
N LEU A 24 12.49 1.53 -2.68
CA LEU A 24 12.72 2.97 -2.70
C LEU A 24 11.52 3.72 -2.12
N LYS A 25 11.78 4.58 -1.14
CA LYS A 25 10.72 5.36 -0.52
C LYS A 25 9.81 5.99 -1.57
N SER A 26 10.42 6.68 -2.53
CA SER A 26 9.66 7.34 -3.59
C SER A 26 8.60 6.40 -4.16
N HIS A 27 9.04 5.23 -4.61
CA HIS A 27 8.13 4.24 -5.17
C HIS A 27 6.84 4.17 -4.37
N LEU A 28 6.94 3.73 -3.13
CA LEU A 28 5.78 3.61 -2.26
C LEU A 28 5.00 4.92 -2.22
N ASN A 29 5.66 6.00 -1.79
CA ASN A 29 5.02 7.30 -1.71
C ASN A 29 4.14 7.55 -2.92
N GLN A 30 4.68 7.35 -4.11
CA GLN A 30 3.94 7.54 -5.35
C GLN A 30 2.85 6.50 -5.51
N HIS A 31 3.09 5.31 -4.95
CA HIS A 31 2.13 4.21 -5.02
C HIS A 31 0.90 4.51 -4.17
N GLN A 32 1.12 5.11 -3.01
CA GLN A 32 0.03 5.44 -2.10
C GLN A 32 -1.02 6.29 -2.81
N ARG A 33 -0.66 6.82 -3.97
CA ARG A 33 -1.57 7.66 -4.75
C ARG A 33 -2.79 6.86 -5.19
N ILE A 34 -2.60 5.57 -5.41
CA ILE A 34 -3.69 4.69 -5.83
C ILE A 34 -4.74 4.54 -4.74
N HIS A 35 -4.43 5.08 -3.56
CA HIS A 35 -5.35 5.00 -2.42
C HIS A 35 -5.85 6.40 -2.04
N THR A 36 -5.14 7.43 -2.50
CA THR A 36 -5.51 8.80 -2.21
C THR A 36 -6.40 9.37 -3.32
N GLY A 37 -7.41 8.62 -3.72
CA GLY A 37 -8.31 9.08 -4.77
C GLY A 37 -9.75 8.71 -4.49
N GLU A 38 -10.59 8.79 -5.52
CA GLU A 38 -12.00 8.46 -5.38
C GLU A 38 -12.21 6.97 -5.19
N LYS A 39 -13.28 6.61 -4.49
CA LYS A 39 -13.58 5.20 -4.23
C LYS A 39 -15.04 5.04 -3.80
N PRO A 40 -15.66 3.93 -4.22
CA PRO A 40 -17.06 3.62 -3.88
C PRO A 40 -17.23 3.28 -2.41
N SER A 41 -18.28 3.84 -1.80
CA SER A 41 -18.56 3.60 -0.38
C SER A 41 -19.99 3.12 -0.19
N GLY A 42 -20.29 2.63 1.00
CA GLY A 42 -21.62 2.14 1.31
C GLY A 42 -22.46 3.17 2.06
N PRO A 43 -22.47 3.05 3.39
CA PRO A 43 -23.23 3.97 4.26
C PRO A 43 -22.64 5.37 4.28
N SER A 44 -23.42 6.33 4.74
CA SER A 44 -22.97 7.72 4.81
C SER A 44 -23.03 8.23 6.24
N SER A 45 -22.34 9.34 6.50
CA SER A 45 -22.30 9.94 7.83
C SER A 45 -22.52 11.45 7.76
N GLY A 46 -23.51 11.93 8.50
CA GLY A 46 -23.80 13.35 8.50
C GLY A 46 -23.55 13.99 9.85
N GLY A 1 -6.24 -16.12 -8.80
CA GLY A 1 -6.27 -14.99 -7.90
C GLY A 1 -5.07 -14.95 -6.97
N SER A 2 -3.88 -14.84 -7.55
CA SER A 2 -2.65 -14.80 -6.78
C SER A 2 -2.72 -13.72 -5.70
N SER A 3 -2.12 -13.99 -4.55
CA SER A 3 -2.12 -13.05 -3.44
C SER A 3 -1.00 -12.02 -3.61
N GLY A 4 0.22 -12.51 -3.80
CA GLY A 4 1.35 -11.62 -3.98
C GLY A 4 2.58 -12.08 -3.21
N SER A 5 2.60 -11.81 -1.91
CA SER A 5 3.72 -12.20 -1.06
C SER A 5 4.30 -13.53 -1.52
N SER A 6 5.55 -13.51 -1.96
CA SER A 6 6.23 -14.71 -2.42
C SER A 6 7.42 -15.04 -1.53
N GLY A 7 7.22 -14.93 -0.22
CA GLY A 7 8.29 -15.22 0.72
C GLY A 7 8.74 -13.99 1.50
N SER A 8 9.29 -14.22 2.68
CA SER A 8 9.76 -13.12 3.53
C SER A 8 10.55 -12.11 2.71
N SER A 9 10.07 -10.87 2.67
CA SER A 9 10.74 -9.81 1.93
C SER A 9 11.40 -8.82 2.88
N THR A 10 12.67 -8.51 2.61
CA THR A 10 13.42 -7.58 3.44
C THR A 10 13.17 -6.15 3.01
N LYS A 11 11.91 -5.80 2.80
CA LYS A 11 11.55 -4.45 2.39
C LYS A 11 11.58 -3.49 3.58
N SER A 12 11.67 -2.19 3.27
CA SER A 12 11.72 -1.17 4.30
C SER A 12 10.43 -0.36 4.34
N HIS A 13 10.10 0.24 3.20
CA HIS A 13 8.88 1.04 3.10
C HIS A 13 7.69 0.18 2.72
N GLN A 14 6.66 0.20 3.55
CA GLN A 14 5.45 -0.58 3.29
C GLN A 14 4.20 0.30 3.37
N CYS A 15 3.24 0.02 2.49
CA CYS A 15 2.00 0.78 2.47
C CYS A 15 1.08 0.37 3.61
N HIS A 16 0.12 1.23 3.93
CA HIS A 16 -0.83 0.95 5.00
C HIS A 16 -2.23 0.70 4.45
N GLU A 17 -2.48 1.22 3.25
CA GLU A 17 -3.78 1.04 2.60
C GLU A 17 -3.95 -0.38 2.10
N CYS A 18 -2.89 -0.94 1.52
CA CYS A 18 -2.93 -2.30 1.00
C CYS A 18 -1.89 -3.17 1.69
N GLY A 19 -0.70 -2.61 1.93
CA GLY A 19 0.35 -3.35 2.58
C GLY A 19 1.38 -3.88 1.60
N ARG A 20 1.75 -3.05 0.62
CA ARG A 20 2.73 -3.44 -0.38
C ARG A 20 4.14 -3.09 0.08
N GLY A 21 5.14 -3.68 -0.59
CA GLY A 21 6.51 -3.42 -0.23
C GLY A 21 7.28 -2.72 -1.34
N PHE A 22 7.94 -1.62 -1.00
CA PHE A 22 8.71 -0.86 -1.97
C PHE A 22 10.11 -0.58 -1.45
N THR A 23 11.11 -0.87 -2.28
CA THR A 23 12.51 -0.65 -1.91
C THR A 23 12.82 0.83 -1.82
N LEU A 24 12.42 1.58 -2.83
CA LEU A 24 12.66 3.03 -2.87
C LEU A 24 11.50 3.78 -2.23
N LYS A 25 11.79 4.52 -1.17
CA LYS A 25 10.78 5.30 -0.47
C LYS A 25 9.83 5.97 -1.47
N SER A 26 10.41 6.57 -2.51
CA SER A 26 9.62 7.25 -3.53
C SER A 26 8.52 6.34 -4.05
N HIS A 27 8.91 5.15 -4.53
CA HIS A 27 7.96 4.19 -5.07
C HIS A 27 6.68 4.16 -4.22
N LEU A 28 6.82 3.78 -2.95
CA LEU A 28 5.69 3.71 -2.04
C LEU A 28 4.91 5.02 -2.04
N ASN A 29 5.58 6.11 -1.69
CA ASN A 29 4.95 7.42 -1.64
C ASN A 29 4.06 7.63 -2.86
N GLN A 30 4.64 7.49 -4.05
CA GLN A 30 3.91 7.66 -5.29
C GLN A 30 2.85 6.59 -5.45
N HIS A 31 3.10 5.42 -4.88
CA HIS A 31 2.16 4.31 -4.95
C HIS A 31 0.89 4.61 -4.17
N GLN A 32 1.05 5.14 -2.96
CA GLN A 32 -0.08 5.47 -2.10
C GLN A 32 -1.12 6.27 -2.88
N ARG A 33 -0.69 6.88 -3.99
CA ARG A 33 -1.59 7.67 -4.81
C ARG A 33 -2.78 6.83 -5.28
N ILE A 34 -2.53 5.55 -5.53
CA ILE A 34 -3.59 4.65 -5.99
C ILE A 34 -4.69 4.52 -4.94
N HIS A 35 -4.45 5.08 -3.76
CA HIS A 35 -5.42 5.02 -2.68
C HIS A 35 -6.00 6.40 -2.40
N THR A 36 -5.19 7.43 -2.60
CA THR A 36 -5.62 8.81 -2.38
C THR A 36 -6.95 9.09 -3.06
N GLY A 37 -7.94 9.52 -2.29
CA GLY A 37 -9.24 9.82 -2.84
C GLY A 37 -10.36 9.59 -1.84
N GLU A 38 -11.59 9.50 -2.34
CA GLU A 38 -12.75 9.29 -1.48
C GLU A 38 -13.46 8.00 -1.85
N LYS A 39 -14.50 7.66 -1.09
CA LYS A 39 -15.27 6.45 -1.33
C LYS A 39 -14.38 5.33 -1.84
N PRO A 40 -13.29 5.04 -1.10
CA PRO A 40 -12.33 4.00 -1.46
C PRO A 40 -12.92 2.60 -1.30
N SER A 41 -13.19 1.94 -2.43
CA SER A 41 -13.76 0.61 -2.41
C SER A 41 -12.97 -0.31 -1.48
N GLY A 42 -13.68 -0.98 -0.57
CA GLY A 42 -13.03 -1.88 0.36
C GLY A 42 -13.54 -3.30 0.26
N PRO A 43 -14.54 -3.63 1.09
CA PRO A 43 -15.14 -4.96 1.11
C PRO A 43 -15.96 -5.26 -0.14
N SER A 44 -15.30 -5.71 -1.20
CA SER A 44 -15.97 -6.02 -2.45
C SER A 44 -16.43 -7.48 -2.49
N SER A 45 -15.50 -8.38 -2.19
CA SER A 45 -15.81 -9.81 -2.19
C SER A 45 -15.15 -10.50 -1.00
N GLY A 46 -15.59 -11.73 -0.72
CA GLY A 46 -15.03 -12.48 0.38
C GLY A 46 -13.54 -12.22 0.57
N GLY A 1 -5.10 -5.03 6.89
CA GLY A 1 -4.64 -6.02 7.85
C GLY A 1 -3.76 -7.07 7.22
N SER A 2 -2.54 -7.22 7.75
CA SER A 2 -1.60 -8.20 7.23
C SER A 2 -0.53 -8.53 8.28
N SER A 3 -0.30 -9.82 8.50
CA SER A 3 0.69 -10.26 9.47
C SER A 3 1.85 -10.96 8.77
N GLY A 4 2.89 -10.19 8.45
CA GLY A 4 4.06 -10.76 7.80
C GLY A 4 3.68 -11.72 6.68
N SER A 5 3.50 -11.18 5.47
CA SER A 5 3.13 -12.00 4.32
C SER A 5 3.95 -13.28 4.28
N SER A 6 3.50 -14.23 3.47
CA SER A 6 4.21 -15.51 3.34
C SER A 6 5.43 -15.36 2.44
N GLY A 7 6.54 -14.96 3.04
CA GLY A 7 7.77 -14.78 2.28
C GLY A 7 7.90 -13.39 1.70
N SER A 8 9.08 -13.08 1.15
CA SER A 8 9.33 -11.77 0.57
C SER A 8 8.72 -10.66 1.43
N SER A 9 8.90 -10.77 2.74
CA SER A 9 8.36 -9.79 3.67
C SER A 9 9.48 -9.06 4.40
N THR A 10 10.52 -8.69 3.66
CA THR A 10 11.66 -7.99 4.24
C THR A 10 11.85 -6.62 3.60
N LYS A 11 10.75 -5.94 3.33
CA LYS A 11 10.78 -4.62 2.71
C LYS A 11 11.04 -3.55 3.76
N SER A 12 11.58 -2.41 3.34
CA SER A 12 11.88 -1.31 4.24
C SER A 12 10.67 -0.38 4.37
N HIS A 13 10.07 -0.04 3.24
CA HIS A 13 8.90 0.83 3.23
C HIS A 13 7.65 0.08 2.78
N GLN A 14 6.72 -0.13 3.69
CA GLN A 14 5.48 -0.84 3.37
C GLN A 14 4.29 0.09 3.46
N CYS A 15 3.35 -0.07 2.53
CA CYS A 15 2.14 0.76 2.50
C CYS A 15 1.24 0.44 3.69
N HIS A 16 0.28 1.34 3.94
CA HIS A 16 -0.65 1.15 5.04
C HIS A 16 -2.06 0.86 4.52
N GLU A 17 -2.35 1.36 3.32
CA GLU A 17 -3.66 1.15 2.71
C GLU A 17 -3.83 -0.29 2.27
N CYS A 18 -2.80 -0.84 1.63
CA CYS A 18 -2.84 -2.21 1.14
C CYS A 18 -1.78 -3.06 1.84
N GLY A 19 -0.60 -2.48 2.03
CA GLY A 19 0.48 -3.20 2.69
C GLY A 19 1.51 -3.71 1.70
N ARG A 20 1.66 -3.01 0.59
CA ARG A 20 2.62 -3.41 -0.44
C ARG A 20 4.05 -3.15 0.03
N GLY A 21 5.02 -3.53 -0.80
CA GLY A 21 6.42 -3.33 -0.46
C GLY A 21 7.19 -2.61 -1.54
N PHE A 22 7.92 -1.57 -1.16
CA PHE A 22 8.71 -0.79 -2.11
C PHE A 22 10.12 -0.56 -1.59
N THR A 23 11.11 -0.90 -2.40
CA THR A 23 12.50 -0.73 -2.02
C THR A 23 12.83 0.74 -1.78
N LEU A 24 12.44 1.59 -2.72
CA LEU A 24 12.69 3.02 -2.61
C LEU A 24 11.48 3.74 -2.01
N LYS A 25 11.71 4.44 -0.91
CA LYS A 25 10.64 5.18 -0.24
C LYS A 25 9.77 5.91 -1.26
N SER A 26 10.41 6.63 -2.17
CA SER A 26 9.69 7.39 -3.19
C SER A 26 8.63 6.52 -3.86
N HIS A 27 9.05 5.38 -4.39
CA HIS A 27 8.15 4.46 -5.06
C HIS A 27 6.83 4.34 -4.28
N LEU A 28 6.93 3.85 -3.05
CA LEU A 28 5.75 3.68 -2.20
C LEU A 28 4.87 4.93 -2.23
N ASN A 29 5.47 6.06 -1.86
CA ASN A 29 4.75 7.33 -1.83
C ASN A 29 3.88 7.48 -3.08
N GLN A 30 4.51 7.42 -4.25
CA GLN A 30 3.80 7.57 -5.51
C GLN A 30 2.70 6.51 -5.62
N HIS A 31 2.97 5.32 -5.09
CA HIS A 31 2.01 4.22 -5.13
C HIS A 31 0.77 4.55 -4.30
N GLN A 32 1.00 4.89 -3.03
CA GLN A 32 -0.09 5.21 -2.12
C GLN A 32 -1.14 6.08 -2.82
N ARG A 33 -0.70 6.80 -3.85
CA ARG A 33 -1.61 7.67 -4.60
C ARG A 33 -2.81 6.90 -5.11
N ILE A 34 -2.57 5.70 -5.63
CA ILE A 34 -3.64 4.86 -6.15
C ILE A 34 -4.82 4.81 -5.18
N HIS A 35 -4.52 4.95 -3.90
CA HIS A 35 -5.56 4.93 -2.86
C HIS A 35 -6.19 6.30 -2.69
N THR A 36 -5.38 7.35 -2.86
CA THR A 36 -5.87 8.72 -2.72
C THR A 36 -6.20 9.32 -4.08
N GLY A 37 -6.78 10.52 -4.06
CA GLY A 37 -7.14 11.19 -5.31
C GLY A 37 -8.59 11.60 -5.34
N GLU A 38 -9.47 10.63 -5.61
CA GLU A 38 -10.90 10.90 -5.68
C GLU A 38 -11.65 10.13 -4.60
N LYS A 39 -11.90 10.78 -3.47
CA LYS A 39 -12.61 10.15 -2.36
C LYS A 39 -13.72 9.24 -2.87
N PRO A 40 -13.95 8.14 -2.14
CA PRO A 40 -14.98 7.16 -2.50
C PRO A 40 -16.39 7.70 -2.31
N SER A 41 -17.39 6.84 -2.46
CA SER A 41 -18.78 7.24 -2.30
C SER A 41 -19.18 8.26 -3.36
N GLY A 42 -18.80 7.99 -4.61
CA GLY A 42 -19.11 8.89 -5.69
C GLY A 42 -18.21 8.70 -6.89
N PRO A 43 -18.26 7.51 -7.50
CA PRO A 43 -17.45 7.18 -8.67
C PRO A 43 -17.89 7.93 -9.92
N SER A 44 -19.15 8.36 -9.92
CA SER A 44 -19.70 9.09 -11.07
C SER A 44 -19.24 8.47 -12.38
N SER A 45 -19.26 7.14 -12.44
CA SER A 45 -18.83 6.43 -13.64
C SER A 45 -20.04 5.84 -14.37
N GLY A 46 -20.08 6.06 -15.69
CA GLY A 46 -21.18 5.56 -16.49
C GLY A 46 -20.77 4.41 -17.40
N GLY A 1 0.96 -19.24 8.71
CA GLY A 1 1.24 -18.76 7.36
C GLY A 1 1.79 -17.35 7.35
N SER A 2 0.91 -16.37 7.17
CA SER A 2 1.32 -14.98 7.14
C SER A 2 1.36 -14.38 8.55
N SER A 3 1.89 -15.16 9.49
CA SER A 3 1.99 -14.72 10.87
C SER A 3 3.28 -13.95 11.11
N GLY A 4 3.40 -13.35 12.29
CA GLY A 4 4.60 -12.59 12.61
C GLY A 4 4.47 -11.12 12.24
N SER A 5 4.96 -10.25 13.13
CA SER A 5 4.89 -8.81 12.89
C SER A 5 5.81 -8.40 11.74
N SER A 6 7.09 -8.74 11.88
CA SER A 6 8.07 -8.40 10.84
C SER A 6 8.98 -9.59 10.55
N GLY A 7 8.49 -10.50 9.71
CA GLY A 7 9.27 -11.67 9.37
C GLY A 7 8.99 -12.16 7.96
N SER A 8 7.72 -12.41 7.66
CA SER A 8 7.32 -12.89 6.34
C SER A 8 7.61 -11.83 5.27
N SER A 9 7.29 -10.58 5.58
CA SER A 9 7.53 -9.48 4.64
C SER A 9 8.24 -8.33 5.33
N THR A 10 9.57 -8.37 5.30
CA THR A 10 10.37 -7.32 5.92
C THR A 10 10.77 -6.26 4.91
N LYS A 11 9.89 -5.28 4.71
CA LYS A 11 10.15 -4.20 3.76
C LYS A 11 10.35 -2.88 4.48
N SER A 12 11.28 -2.06 3.98
CA SER A 12 11.57 -0.77 4.59
C SER A 12 10.40 0.20 4.39
N HIS A 13 9.92 0.28 3.16
CA HIS A 13 8.79 1.16 2.84
C HIS A 13 7.56 0.36 2.46
N GLN A 14 6.70 0.11 3.45
CA GLN A 14 5.48 -0.64 3.22
C GLN A 14 4.25 0.27 3.29
N CYS A 15 3.28 0.00 2.42
CA CYS A 15 2.06 0.80 2.38
C CYS A 15 1.15 0.48 3.56
N HIS A 16 0.19 1.36 3.83
CA HIS A 16 -0.74 1.16 4.93
C HIS A 16 -2.14 0.86 4.41
N GLU A 17 -2.44 1.34 3.20
CA GLU A 17 -3.74 1.12 2.59
C GLU A 17 -3.91 -0.34 2.17
N CYS A 18 -2.88 -0.88 1.52
CA CYS A 18 -2.91 -2.26 1.04
C CYS A 18 -1.87 -3.10 1.77
N GLY A 19 -0.69 -2.54 1.96
CA GLY A 19 0.38 -3.25 2.63
C GLY A 19 1.43 -3.77 1.67
N ARG A 20 1.65 -3.04 0.59
CA ARG A 20 2.64 -3.44 -0.41
C ARG A 20 4.06 -3.12 0.07
N GLY A 21 5.05 -3.64 -0.65
CA GLY A 21 6.43 -3.40 -0.30
C GLY A 21 7.22 -2.75 -1.42
N PHE A 22 7.99 -1.72 -1.07
CA PHE A 22 8.80 -1.01 -2.05
C PHE A 22 10.22 -0.78 -1.53
N THR A 23 11.19 -0.94 -2.42
CA THR A 23 12.59 -0.75 -2.04
C THR A 23 12.91 0.73 -1.83
N LEU A 24 12.44 1.56 -2.76
CA LEU A 24 12.68 3.00 -2.68
C LEU A 24 11.50 3.71 -2.03
N LYS A 25 11.79 4.57 -1.06
CA LYS A 25 10.75 5.31 -0.35
C LYS A 25 9.84 6.04 -1.35
N SER A 26 10.44 6.61 -2.38
CA SER A 26 9.69 7.34 -3.39
C SER A 26 8.62 6.45 -4.02
N HIS A 27 9.00 5.23 -4.37
CA HIS A 27 8.07 4.28 -4.96
C HIS A 27 6.77 4.21 -4.16
N LEU A 28 6.88 3.75 -2.92
CA LEU A 28 5.72 3.62 -2.04
C LEU A 28 4.91 4.92 -2.03
N ASN A 29 5.57 6.01 -1.66
CA ASN A 29 4.92 7.31 -1.60
C ASN A 29 4.00 7.52 -2.79
N GLN A 30 4.58 7.52 -3.99
CA GLN A 30 3.81 7.70 -5.22
C GLN A 30 2.73 6.63 -5.35
N HIS A 31 3.06 5.41 -4.94
CA HIS A 31 2.13 4.30 -5.01
C HIS A 31 0.87 4.59 -4.19
N GLN A 32 1.07 5.17 -3.00
CA GLN A 32 -0.04 5.50 -2.12
C GLN A 32 -1.12 6.27 -2.87
N ARG A 33 -0.75 6.83 -4.03
CA ARG A 33 -1.68 7.59 -4.84
C ARG A 33 -2.85 6.72 -5.30
N ILE A 34 -2.58 5.44 -5.50
CA ILE A 34 -3.60 4.50 -5.94
C ILE A 34 -4.72 4.38 -4.91
N HIS A 35 -4.51 4.99 -3.75
CA HIS A 35 -5.51 4.95 -2.68
C HIS A 35 -6.07 6.35 -2.42
N THR A 36 -5.92 7.23 -3.40
CA THR A 36 -6.41 8.60 -3.27
C THR A 36 -7.61 8.83 -4.19
N GLY A 37 -7.76 7.98 -5.20
CA GLY A 37 -8.86 8.11 -6.13
C GLY A 37 -10.21 7.84 -5.48
N GLU A 38 -10.47 6.57 -5.18
CA GLU A 38 -11.72 6.18 -4.56
C GLU A 38 -12.00 7.01 -3.31
N LYS A 39 -12.90 7.99 -3.44
CA LYS A 39 -13.25 8.86 -2.32
C LYS A 39 -14.67 8.57 -1.84
N PRO A 40 -14.83 7.42 -1.16
CA PRO A 40 -16.13 7.01 -0.61
C PRO A 40 -16.59 7.89 0.55
N SER A 41 -15.69 8.09 1.51
CA SER A 41 -16.00 8.91 2.68
C SER A 41 -14.72 9.32 3.41
N GLY A 42 -14.87 10.19 4.40
CA GLY A 42 -13.72 10.66 5.15
C GLY A 42 -13.09 9.56 5.98
N PRO A 43 -11.75 9.56 6.05
CA PRO A 43 -11.00 8.56 6.81
C PRO A 43 -11.18 8.71 8.31
N SER A 44 -11.97 7.82 8.90
CA SER A 44 -12.22 7.85 10.33
C SER A 44 -11.02 7.33 11.11
N SER A 45 -10.92 7.73 12.37
CA SER A 45 -9.83 7.31 13.23
C SER A 45 -8.49 7.83 12.70
N GLY A 46 -8.49 9.09 12.25
CA GLY A 46 -7.28 9.69 11.73
C GLY A 46 -7.45 10.19 10.31
N GLY A 1 -0.79 -22.78 3.14
CA GLY A 1 0.47 -23.48 3.03
C GLY A 1 0.58 -24.27 1.73
N SER A 2 0.22 -23.64 0.62
CA SER A 2 0.27 -24.29 -0.68
C SER A 2 1.59 -24.00 -1.39
N SER A 3 2.05 -24.94 -2.20
CA SER A 3 3.29 -24.78 -2.94
C SER A 3 3.30 -23.48 -3.73
N GLY A 4 3.98 -22.47 -3.20
CA GLY A 4 4.05 -21.19 -3.87
C GLY A 4 5.47 -20.68 -3.99
N SER A 5 5.69 -19.79 -4.97
CA SER A 5 7.02 -19.23 -5.19
C SER A 5 7.39 -18.26 -4.08
N SER A 6 6.45 -17.40 -3.70
CA SER A 6 6.68 -16.42 -2.65
C SER A 6 7.48 -17.03 -1.51
N GLY A 7 8.42 -16.25 -0.98
CA GLY A 7 9.24 -16.73 0.12
C GLY A 7 9.01 -15.96 1.40
N SER A 8 10.08 -15.70 2.14
CA SER A 8 9.99 -14.97 3.40
C SER A 8 10.99 -13.82 3.44
N SER A 9 10.48 -12.60 3.26
CA SER A 9 11.33 -11.41 3.26
C SER A 9 10.55 -10.20 3.78
N THR A 10 11.28 -9.11 4.03
CA THR A 10 10.66 -7.89 4.54
C THR A 10 11.08 -6.69 3.69
N LYS A 11 10.22 -5.68 3.66
CA LYS A 11 10.49 -4.46 2.90
C LYS A 11 10.75 -3.28 3.83
N SER A 12 11.51 -2.31 3.34
CA SER A 12 11.83 -1.13 4.13
C SER A 12 10.61 -0.23 4.30
N HIS A 13 10.01 0.16 3.18
CA HIS A 13 8.83 1.01 3.20
C HIS A 13 7.59 0.24 2.75
N GLN A 14 6.71 -0.06 3.71
CA GLN A 14 5.49 -0.80 3.42
C GLN A 14 4.27 0.11 3.52
N CYS A 15 3.33 -0.08 2.60
CA CYS A 15 2.11 0.72 2.59
C CYS A 15 1.18 0.32 3.74
N HIS A 16 0.22 1.19 4.05
CA HIS A 16 -0.74 0.93 5.12
C HIS A 16 -2.13 0.65 4.55
N GLU A 17 -2.41 1.22 3.38
CA GLU A 17 -3.71 1.04 2.74
C GLU A 17 -3.89 -0.40 2.28
N CYS A 18 -2.85 -0.96 1.66
CA CYS A 18 -2.89 -2.33 1.18
C CYS A 18 -1.82 -3.18 1.85
N GLY A 19 -0.63 -2.61 2.01
CA GLY A 19 0.46 -3.33 2.64
C GLY A 19 1.49 -3.81 1.63
N ARG A 20 1.68 -3.04 0.57
CA ARG A 20 2.64 -3.40 -0.47
C ARG A 20 4.07 -3.10 -0.02
N GLY A 21 5.04 -3.57 -0.80
CA GLY A 21 6.43 -3.35 -0.45
C GLY A 21 7.19 -2.65 -1.56
N PHE A 22 7.92 -1.59 -1.20
CA PHE A 22 8.69 -0.83 -2.18
C PHE A 22 10.11 -0.58 -1.67
N THR A 23 11.09 -0.94 -2.48
CA THR A 23 12.49 -0.76 -2.12
C THR A 23 12.78 0.69 -1.75
N LEU A 24 12.51 1.60 -2.69
CA LEU A 24 12.74 3.02 -2.46
C LEU A 24 11.53 3.68 -1.79
N LYS A 25 11.78 4.69 -0.98
CA LYS A 25 10.73 5.39 -0.28
C LYS A 25 9.79 6.09 -1.27
N SER A 26 10.38 6.73 -2.27
CA SER A 26 9.60 7.45 -3.28
C SER A 26 8.63 6.50 -3.98
N HIS A 27 9.07 5.27 -4.19
CA HIS A 27 8.24 4.26 -4.85
C HIS A 27 6.89 4.12 -4.14
N LEU A 28 6.94 3.85 -2.84
CA LEU A 28 5.73 3.69 -2.04
C LEU A 28 4.87 4.95 -2.11
N ASN A 29 5.48 6.09 -1.85
CA ASN A 29 4.77 7.36 -1.88
C ASN A 29 3.94 7.50 -3.16
N GLN A 30 4.60 7.35 -4.30
CA GLN A 30 3.93 7.45 -5.60
C GLN A 30 2.82 6.41 -5.71
N HIS A 31 3.04 5.24 -5.12
CA HIS A 31 2.05 4.16 -5.15
C HIS A 31 0.77 4.58 -4.43
N GLN A 32 0.93 5.09 -3.21
CA GLN A 32 -0.22 5.52 -2.42
C GLN A 32 -1.19 6.35 -3.27
N ARG A 33 -0.66 6.98 -4.31
CA ARG A 33 -1.49 7.79 -5.20
C ARG A 33 -2.73 7.03 -5.65
N ILE A 34 -2.70 5.71 -5.51
CA ILE A 34 -3.82 4.87 -5.89
C ILE A 34 -4.90 4.87 -4.81
N HIS A 35 -4.48 4.99 -3.57
CA HIS A 35 -5.40 5.00 -2.44
C HIS A 35 -5.92 6.41 -2.17
N THR A 36 -5.08 7.40 -2.42
CA THR A 36 -5.45 8.80 -2.21
C THR A 36 -5.96 9.43 -3.49
N GLY A 37 -5.28 9.15 -4.61
CA GLY A 37 -5.69 9.70 -5.88
C GLY A 37 -6.03 11.17 -5.80
N GLU A 38 -6.58 11.72 -6.88
CA GLU A 38 -6.94 13.13 -6.93
C GLU A 38 -8.41 13.33 -6.54
N LYS A 39 -8.65 13.48 -5.25
CA LYS A 39 -10.01 13.67 -4.76
C LYS A 39 -10.02 14.60 -3.54
N PRO A 40 -11.17 15.21 -3.26
CA PRO A 40 -11.34 16.12 -2.12
C PRO A 40 -11.28 15.40 -0.78
N SER A 41 -11.00 14.09 -0.83
CA SER A 41 -10.92 13.29 0.38
C SER A 41 -10.02 13.96 1.42
N GLY A 42 -8.78 14.24 1.03
CA GLY A 42 -7.84 14.88 1.93
C GLY A 42 -8.40 16.15 2.54
N PRO A 43 -8.43 17.22 1.73
CA PRO A 43 -8.92 18.53 2.17
C PRO A 43 -10.44 18.53 2.39
N SER A 44 -10.86 18.85 3.60
CA SER A 44 -12.27 18.89 3.94
C SER A 44 -13.11 19.34 2.76
N SER A 45 -12.69 20.44 2.13
CA SER A 45 -13.40 20.99 0.98
C SER A 45 -12.43 21.35 -0.14
N GLY A 46 -12.83 21.08 -1.38
CA GLY A 46 -11.98 21.37 -2.51
C GLY A 46 -12.62 20.97 -3.83
N GLY A 1 -5.25 -25.01 13.51
CA GLY A 1 -5.30 -23.91 12.57
C GLY A 1 -4.52 -22.70 13.05
N SER A 2 -3.21 -22.72 12.84
CA SER A 2 -2.34 -21.63 13.26
C SER A 2 -2.12 -20.64 12.12
N SER A 3 -1.70 -21.16 10.97
CA SER A 3 -1.45 -20.32 9.80
C SER A 3 -0.88 -18.98 10.21
N GLY A 4 0.04 -18.99 11.17
CA GLY A 4 0.65 -17.76 11.63
C GLY A 4 2.07 -17.60 11.14
N SER A 5 2.22 -17.03 9.95
CA SER A 5 3.53 -16.82 9.36
C SER A 5 3.64 -15.41 8.76
N SER A 6 4.40 -14.55 9.42
CA SER A 6 4.59 -13.18 8.96
C SER A 6 5.75 -13.08 7.98
N GLY A 7 5.94 -11.90 7.40
CA GLY A 7 7.02 -11.70 6.45
C GLY A 7 6.58 -11.92 5.02
N SER A 8 5.65 -11.09 4.55
CA SER A 8 5.14 -11.20 3.19
C SER A 8 5.00 -9.82 2.54
N SER A 9 5.78 -9.59 1.50
CA SER A 9 5.75 -8.32 0.79
C SER A 9 5.87 -7.15 1.77
N THR A 10 6.78 -7.28 2.73
CA THR A 10 6.99 -6.25 3.74
C THR A 10 8.40 -5.67 3.65
N LYS A 11 8.51 -4.44 3.16
CA LYS A 11 9.80 -3.78 3.03
C LYS A 11 9.86 -2.51 3.88
N SER A 12 11.05 -1.96 4.03
CA SER A 12 11.24 -0.74 4.81
C SER A 12 10.03 0.18 4.68
N HIS A 13 9.73 0.58 3.44
CA HIS A 13 8.60 1.46 3.17
C HIS A 13 7.38 0.66 2.73
N GLN A 14 6.65 0.12 3.69
CA GLN A 14 5.46 -0.67 3.39
C GLN A 14 4.20 0.17 3.51
N CYS A 15 3.26 -0.01 2.58
CA CYS A 15 2.01 0.74 2.59
C CYS A 15 1.09 0.23 3.70
N HIS A 16 0.13 1.07 4.08
CA HIS A 16 -0.82 0.72 5.13
C HIS A 16 -2.22 0.54 4.55
N GLU A 17 -2.45 1.11 3.37
CA GLU A 17 -3.75 1.01 2.71
C GLU A 17 -3.97 -0.39 2.15
N CYS A 18 -2.89 -1.00 1.67
CA CYS A 18 -2.96 -2.34 1.11
C CYS A 18 -1.87 -3.25 1.70
N GLY A 19 -0.68 -2.69 1.87
CA GLY A 19 0.42 -3.45 2.43
C GLY A 19 1.38 -3.94 1.35
N ARG A 20 1.93 -2.99 0.59
CA ARG A 20 2.87 -3.32 -0.47
C ARG A 20 4.31 -3.03 -0.03
N GLY A 21 5.25 -3.83 -0.52
CA GLY A 21 6.65 -3.65 -0.18
C GLY A 21 7.42 -2.95 -1.27
N PHE A 22 7.90 -1.74 -0.97
CA PHE A 22 8.66 -0.96 -1.94
C PHE A 22 10.10 -0.76 -1.46
N THR A 23 11.05 -0.95 -2.37
CA THR A 23 12.46 -0.78 -2.05
C THR A 23 12.81 0.68 -1.84
N LEU A 24 12.41 1.52 -2.78
CA LEU A 24 12.69 2.95 -2.70
C LEU A 24 11.53 3.69 -2.04
N LYS A 25 11.87 4.60 -1.13
CA LYS A 25 10.85 5.39 -0.42
C LYS A 25 9.90 6.07 -1.41
N SER A 26 10.47 6.62 -2.49
CA SER A 26 9.68 7.30 -3.49
C SER A 26 8.61 6.37 -4.06
N HIS A 27 9.04 5.18 -4.50
CA HIS A 27 8.12 4.20 -5.07
C HIS A 27 6.80 4.18 -4.29
N LEU A 28 6.87 3.78 -3.02
CA LEU A 28 5.68 3.71 -2.18
C LEU A 28 4.91 5.03 -2.21
N ASN A 29 5.62 6.13 -1.93
CA ASN A 29 5.01 7.45 -1.92
C ASN A 29 4.06 7.61 -3.10
N GLN A 30 4.60 7.49 -4.32
CA GLN A 30 3.80 7.63 -5.52
C GLN A 30 2.68 6.58 -5.56
N HIS A 31 2.98 5.39 -5.05
CA HIS A 31 2.00 4.30 -5.02
C HIS A 31 0.78 4.70 -4.19
N GLN A 32 1.04 5.17 -2.97
CA GLN A 32 -0.04 5.57 -2.07
C GLN A 32 -1.11 6.35 -2.83
N ARG A 33 -0.71 7.00 -3.92
CA ARG A 33 -1.63 7.79 -4.72
C ARG A 33 -2.83 6.94 -5.15
N ILE A 34 -2.57 5.72 -5.59
CA ILE A 34 -3.62 4.81 -6.03
C ILE A 34 -4.75 4.74 -5.00
N HIS A 35 -4.43 5.11 -3.76
CA HIS A 35 -5.41 5.09 -2.68
C HIS A 35 -6.00 6.48 -2.44
N THR A 36 -5.23 7.50 -2.82
CA THR A 36 -5.67 8.88 -2.64
C THR A 36 -7.14 9.05 -3.05
N GLY A 37 -7.54 8.35 -4.10
CA GLY A 37 -8.90 8.43 -4.57
C GLY A 37 -9.14 9.64 -5.45
N GLU A 38 -10.20 9.57 -6.26
CA GLU A 38 -10.54 10.67 -7.16
C GLU A 38 -11.57 11.59 -6.53
N LYS A 39 -11.39 12.90 -6.71
CA LYS A 39 -12.31 13.88 -6.16
C LYS A 39 -12.82 13.44 -4.79
N PRO A 40 -11.90 13.16 -3.87
CA PRO A 40 -12.23 12.72 -2.51
C PRO A 40 -12.85 13.85 -1.68
N SER A 41 -13.01 15.02 -2.30
CA SER A 41 -13.59 16.16 -1.62
C SER A 41 -14.94 15.82 -1.00
N GLY A 42 -15.06 16.03 0.31
CA GLY A 42 -16.30 15.73 0.99
C GLY A 42 -17.50 16.39 0.34
N PRO A 43 -18.71 15.98 0.77
CA PRO A 43 -19.96 16.52 0.23
C PRO A 43 -20.19 17.98 0.64
N SER A 44 -19.98 18.90 -0.29
CA SER A 44 -20.16 20.32 -0.03
C SER A 44 -21.04 20.96 -1.09
N SER A 45 -21.39 22.22 -0.87
CA SER A 45 -22.24 22.95 -1.81
C SER A 45 -21.46 23.34 -3.06
N GLY A 46 -22.05 23.09 -4.22
CA GLY A 46 -21.40 23.42 -5.47
C GLY A 46 -21.09 22.20 -6.30
N GLY A 1 -10.84 -22.90 10.18
CA GLY A 1 -11.64 -21.74 9.84
C GLY A 1 -11.08 -20.95 8.67
N SER A 2 -10.14 -20.07 8.96
CA SER A 2 -9.51 -19.24 7.93
C SER A 2 -8.20 -19.86 7.46
N SER A 3 -8.29 -20.79 6.53
CA SER A 3 -7.10 -21.46 6.01
C SER A 3 -6.43 -20.62 4.93
N GLY A 4 -5.40 -19.88 5.33
CA GLY A 4 -4.69 -19.04 4.38
C GLY A 4 -3.19 -19.13 4.54
N SER A 5 -2.47 -19.14 3.42
CA SER A 5 -1.01 -19.22 3.44
C SER A 5 -0.39 -17.89 3.06
N SER A 6 0.45 -17.35 3.95
CA SER A 6 1.11 -16.08 3.71
C SER A 6 2.14 -15.79 4.79
N GLY A 7 3.28 -15.24 4.38
CA GLY A 7 4.34 -14.92 5.32
C GLY A 7 4.26 -13.49 5.84
N SER A 8 5.01 -13.20 6.89
CA SER A 8 5.02 -11.87 7.48
C SER A 8 6.17 -11.03 6.93
N SER A 9 6.36 -11.10 5.61
CA SER A 9 7.42 -10.35 4.96
C SER A 9 7.20 -8.85 5.09
N THR A 10 8.28 -8.08 4.97
CA THR A 10 8.21 -6.63 5.09
C THR A 10 9.33 -5.95 4.30
N LYS A 11 9.00 -4.86 3.61
CA LYS A 11 9.98 -4.13 2.82
C LYS A 11 10.29 -2.78 3.47
N SER A 12 11.42 -2.20 3.07
CA SER A 12 11.84 -0.90 3.61
C SER A 12 10.63 -0.02 3.91
N HIS A 13 9.82 0.22 2.88
CA HIS A 13 8.63 1.06 3.03
C HIS A 13 7.37 0.27 2.67
N GLN A 14 6.63 -0.16 3.69
CA GLN A 14 5.40 -0.93 3.46
C GLN A 14 4.18 -0.02 3.56
N CYS A 15 3.27 -0.18 2.60
CA CYS A 15 2.05 0.63 2.58
C CYS A 15 1.09 0.19 3.67
N HIS A 16 0.15 1.07 4.01
CA HIS A 16 -0.84 0.77 5.06
C HIS A 16 -2.23 0.59 4.45
N GLU A 17 -2.44 1.20 3.29
CA GLU A 17 -3.73 1.10 2.61
C GLU A 17 -3.98 -0.32 2.12
N CYS A 18 -2.93 -0.96 1.61
CA CYS A 18 -3.04 -2.33 1.11
C CYS A 18 -2.01 -3.24 1.79
N GLY A 19 -0.80 -2.72 1.98
CA GLY A 19 0.25 -3.50 2.62
C GLY A 19 1.34 -3.89 1.65
N ARG A 20 1.49 -3.11 0.58
CA ARG A 20 2.51 -3.38 -0.42
C ARG A 20 3.90 -3.04 0.10
N GLY A 21 4.92 -3.42 -0.65
CA GLY A 21 6.28 -3.15 -0.24
C GLY A 21 7.13 -2.58 -1.36
N PHE A 22 7.90 -1.54 -1.04
CA PHE A 22 8.76 -0.90 -2.04
C PHE A 22 10.16 -0.66 -1.48
N THR A 23 11.17 -0.76 -2.34
CA THR A 23 12.55 -0.57 -1.93
C THR A 23 12.83 0.91 -1.66
N LEU A 24 12.61 1.75 -2.65
CA LEU A 24 12.83 3.19 -2.53
C LEU A 24 11.60 3.88 -1.98
N LYS A 25 11.80 4.83 -1.07
CA LYS A 25 10.70 5.58 -0.48
C LYS A 25 9.82 6.20 -1.56
N SER A 26 10.45 6.79 -2.56
CA SER A 26 9.73 7.43 -3.66
C SER A 26 8.70 6.47 -4.26
N HIS A 27 9.14 5.24 -4.51
CA HIS A 27 8.25 4.23 -5.08
C HIS A 27 6.94 4.15 -4.31
N LEU A 28 7.03 3.84 -3.03
CA LEU A 28 5.85 3.72 -2.18
C LEU A 28 5.05 5.02 -2.20
N ASN A 29 5.73 6.14 -2.02
CA ASN A 29 5.08 7.45 -2.03
C ASN A 29 4.13 7.58 -3.21
N GLN A 30 4.65 7.34 -4.41
CA GLN A 30 3.86 7.43 -5.63
C GLN A 30 2.75 6.38 -5.63
N HIS A 31 3.03 5.24 -5.01
CA HIS A 31 2.05 4.15 -4.94
C HIS A 31 0.85 4.55 -4.10
N GLN A 32 1.12 5.06 -2.90
CA GLN A 32 0.06 5.47 -1.99
C GLN A 32 -1.01 6.28 -2.74
N ARG A 33 -0.63 6.87 -3.85
CA ARG A 33 -1.55 7.67 -4.66
C ARG A 33 -2.75 6.84 -5.07
N ILE A 34 -2.50 5.59 -5.46
CA ILE A 34 -3.57 4.70 -5.88
C ILE A 34 -4.74 4.73 -4.91
N HIS A 35 -4.43 5.00 -3.64
CA HIS A 35 -5.46 5.06 -2.61
C HIS A 35 -5.89 6.50 -2.35
N THR A 36 -4.95 7.43 -2.52
CA THR A 36 -5.23 8.84 -2.31
C THR A 36 -6.42 9.30 -3.14
N GLY A 37 -7.58 9.43 -2.50
CA GLY A 37 -8.77 9.86 -3.21
C GLY A 37 -9.55 8.70 -3.79
N GLU A 38 -10.72 8.43 -3.22
CA GLU A 38 -11.56 7.34 -3.69
C GLU A 38 -12.87 7.87 -4.27
N LYS A 39 -13.43 7.14 -5.23
CA LYS A 39 -14.68 7.53 -5.86
C LYS A 39 -15.72 6.42 -5.76
N PRO A 40 -16.39 6.34 -4.60
CA PRO A 40 -17.41 5.32 -4.35
C PRO A 40 -18.68 5.55 -5.17
N SER A 41 -19.63 4.64 -5.08
CA SER A 41 -20.88 4.74 -5.81
C SER A 41 -21.88 5.63 -5.08
N GLY A 42 -22.96 5.99 -5.75
CA GLY A 42 -23.97 6.83 -5.15
C GLY A 42 -24.64 6.17 -3.96
N PRO A 43 -24.65 6.86 -2.81
CA PRO A 43 -25.25 6.36 -1.58
C PRO A 43 -26.78 6.30 -1.67
N SER A 44 -27.34 7.03 -2.64
CA SER A 44 -28.79 7.06 -2.82
C SER A 44 -29.48 7.58 -1.56
N SER A 45 -28.92 8.63 -0.98
CA SER A 45 -29.48 9.23 0.22
C SER A 45 -30.86 9.84 -0.06
N GLY A 46 -30.97 10.53 -1.19
CA GLY A 46 -32.22 11.15 -1.56
C GLY A 46 -32.30 12.61 -1.14
N GLY A 1 -3.99 -24.27 -13.89
CA GLY A 1 -3.13 -23.12 -14.08
C GLY A 1 -2.70 -22.50 -12.76
N SER A 2 -1.41 -22.56 -12.48
CA SER A 2 -0.87 -22.00 -11.24
C SER A 2 0.56 -21.54 -11.43
N SER A 3 0.98 -20.55 -10.63
CA SER A 3 2.33 -20.01 -10.71
C SER A 3 3.12 -20.36 -9.46
N GLY A 4 4.43 -20.10 -9.51
CA GLY A 4 5.29 -20.41 -8.38
C GLY A 4 6.51 -19.52 -8.33
N SER A 5 6.67 -18.80 -7.22
CA SER A 5 7.81 -17.90 -7.05
C SER A 5 8.08 -17.64 -5.57
N SER A 6 9.35 -17.74 -5.18
CA SER A 6 9.74 -17.51 -3.80
C SER A 6 10.70 -16.33 -3.68
N GLY A 7 10.64 -15.65 -2.54
CA GLY A 7 11.51 -14.50 -2.33
C GLY A 7 11.42 -13.97 -0.91
N SER A 8 12.58 -13.84 -0.26
CA SER A 8 12.63 -13.34 1.11
C SER A 8 13.25 -11.95 1.16
N SER A 9 12.86 -11.11 0.21
CA SER A 9 13.39 -9.75 0.14
C SER A 9 12.73 -8.87 1.19
N THR A 10 13.56 -8.18 1.99
CA THR A 10 13.05 -7.30 3.05
C THR A 10 12.81 -5.90 2.51
N LYS A 11 11.78 -5.24 3.02
CA LYS A 11 11.45 -3.89 2.60
C LYS A 11 11.56 -2.92 3.77
N SER A 12 11.29 -1.64 3.49
CA SER A 12 11.35 -0.61 4.53
C SER A 12 10.14 0.30 4.47
N HIS A 13 9.76 0.70 3.25
CA HIS A 13 8.61 1.57 3.06
C HIS A 13 7.38 0.77 2.65
N GLN A 14 6.71 0.18 3.64
CA GLN A 14 5.52 -0.62 3.39
C GLN A 14 4.26 0.23 3.47
N CYS A 15 3.27 -0.11 2.65
CA CYS A 15 2.00 0.63 2.62
C CYS A 15 1.06 0.13 3.70
N HIS A 16 0.10 0.98 4.08
CA HIS A 16 -0.88 0.61 5.10
C HIS A 16 -2.26 0.43 4.49
N GLU A 17 -2.47 1.00 3.31
CA GLU A 17 -3.75 0.90 2.63
C GLU A 17 -3.95 -0.50 2.06
N CYS A 18 -2.88 -1.08 1.53
CA CYS A 18 -2.93 -2.42 0.96
C CYS A 18 -1.89 -3.33 1.60
N GLY A 19 -0.72 -2.79 1.89
CA GLY A 19 0.33 -3.57 2.50
C GLY A 19 1.35 -4.08 1.49
N ARG A 20 1.87 -3.18 0.66
CA ARG A 20 2.85 -3.54 -0.35
C ARG A 20 4.27 -3.31 0.15
N GLY A 21 5.25 -3.70 -0.66
CA GLY A 21 6.64 -3.53 -0.28
C GLY A 21 7.45 -2.83 -1.34
N PHE A 22 7.91 -1.63 -1.05
CA PHE A 22 8.70 -0.85 -2.00
C PHE A 22 10.08 -0.55 -1.43
N THR A 23 11.12 -1.02 -2.12
CA THR A 23 12.49 -0.81 -1.68
C THR A 23 12.78 0.67 -1.49
N LEU A 24 12.48 1.48 -2.51
CA LEU A 24 12.71 2.91 -2.45
C LEU A 24 11.48 3.63 -1.90
N LYS A 25 11.72 4.74 -1.22
CA LYS A 25 10.63 5.54 -0.64
C LYS A 25 9.71 6.07 -1.73
N SER A 26 10.28 6.79 -2.68
CA SER A 26 9.50 7.36 -3.78
C SER A 26 8.51 6.35 -4.32
N HIS A 27 8.95 5.10 -4.47
CA HIS A 27 8.09 4.04 -4.97
C HIS A 27 6.79 3.97 -4.18
N LEU A 28 6.91 3.82 -2.86
CA LEU A 28 5.73 3.73 -2.00
C LEU A 28 4.89 5.01 -2.10
N ASN A 29 5.56 6.15 -2.01
CA ASN A 29 4.87 7.45 -2.08
C ASN A 29 4.04 7.54 -3.35
N GLN A 30 4.69 7.42 -4.50
CA GLN A 30 4.00 7.48 -5.79
C GLN A 30 2.95 6.38 -5.90
N HIS A 31 3.05 5.38 -5.02
CA HIS A 31 2.12 4.27 -5.03
C HIS A 31 0.86 4.62 -4.24
N GLN A 32 1.04 5.15 -3.04
CA GLN A 32 -0.07 5.52 -2.18
C GLN A 32 -1.06 6.40 -2.94
N ARG A 33 -0.57 7.10 -3.95
CA ARG A 33 -1.41 7.99 -4.76
C ARG A 33 -2.66 7.26 -5.25
N ILE A 34 -2.57 5.93 -5.31
CA ILE A 34 -3.69 5.11 -5.76
C ILE A 34 -4.82 5.11 -4.74
N HIS A 35 -4.45 5.14 -3.47
CA HIS A 35 -5.43 5.15 -2.39
C HIS A 35 -5.92 6.57 -2.11
N THR A 36 -5.81 7.43 -3.11
CA THR A 36 -6.25 8.82 -2.97
C THR A 36 -7.77 8.92 -2.98
N GLY A 37 -8.41 8.05 -3.77
CA GLY A 37 -9.85 8.06 -3.86
C GLY A 37 -10.45 6.68 -3.68
N GLU A 38 -10.86 6.07 -4.79
CA GLU A 38 -11.46 4.74 -4.76
C GLU A 38 -10.39 3.67 -4.62
N LYS A 39 -10.72 2.60 -3.90
CA LYS A 39 -9.78 1.50 -3.69
C LYS A 39 -10.18 0.29 -4.53
N PRO A 40 -9.21 -0.25 -5.30
CA PRO A 40 -9.44 -1.40 -6.16
C PRO A 40 -9.64 -2.69 -5.35
N SER A 41 -10.45 -3.59 -5.88
CA SER A 41 -10.73 -4.85 -5.21
C SER A 41 -9.73 -5.93 -5.63
N GLY A 42 -9.06 -6.52 -4.65
CA GLY A 42 -8.07 -7.56 -4.94
C GLY A 42 -8.23 -8.77 -4.04
N PRO A 43 -7.72 -9.91 -4.50
CA PRO A 43 -7.78 -11.17 -3.74
C PRO A 43 -6.89 -11.15 -2.50
N SER A 44 -7.52 -10.98 -1.34
CA SER A 44 -6.79 -10.94 -0.08
C SER A 44 -7.58 -11.62 1.03
N SER A 45 -6.87 -12.14 2.03
CA SER A 45 -7.51 -12.83 3.14
C SER A 45 -8.76 -13.57 2.68
N GLY A 46 -8.64 -14.28 1.56
CA GLY A 46 -9.78 -15.02 1.04
C GLY A 46 -9.56 -15.46 -0.39
N GLY A 1 -2.00 -6.00 -9.51
CA GLY A 1 -1.95 -7.11 -8.58
C GLY A 1 -0.53 -7.61 -8.35
N SER A 2 -0.20 -8.74 -8.97
CA SER A 2 1.14 -9.32 -8.82
C SER A 2 2.04 -8.87 -9.96
N SER A 3 3.34 -8.78 -9.68
CA SER A 3 4.32 -8.36 -10.67
C SER A 3 5.06 -9.57 -11.26
N GLY A 4 4.55 -10.08 -12.37
CA GLY A 4 5.16 -11.23 -13.01
C GLY A 4 5.63 -12.26 -12.00
N SER A 5 6.82 -12.81 -12.23
CA SER A 5 7.37 -13.84 -11.34
C SER A 5 8.48 -13.25 -10.47
N SER A 6 9.42 -12.56 -11.10
CA SER A 6 10.53 -11.94 -10.38
C SER A 6 10.04 -11.24 -9.12
N GLY A 7 10.61 -11.61 -7.98
CA GLY A 7 10.22 -11.01 -6.72
C GLY A 7 11.40 -10.76 -5.80
N SER A 8 11.17 -10.00 -4.72
CA SER A 8 12.22 -9.70 -3.77
C SER A 8 11.63 -9.29 -2.43
N SER A 9 12.14 -9.89 -1.35
CA SER A 9 11.66 -9.60 -0.01
C SER A 9 12.19 -8.25 0.47
N THR A 10 13.49 -8.04 0.34
CA THR A 10 14.12 -6.80 0.75
C THR A 10 13.19 -5.61 0.53
N LYS A 11 12.75 -4.99 1.61
CA LYS A 11 11.85 -3.84 1.53
C LYS A 11 12.22 -2.80 2.58
N SER A 12 12.05 -1.52 2.22
CA SER A 12 12.37 -0.43 3.13
C SER A 12 11.09 0.24 3.64
N HIS A 13 10.14 0.45 2.73
CA HIS A 13 8.88 1.07 3.09
C HIS A 13 7.70 0.18 2.71
N GLN A 14 6.66 0.18 3.54
CA GLN A 14 5.48 -0.63 3.28
C GLN A 14 4.21 0.21 3.36
N CYS A 15 3.26 -0.08 2.49
CA CYS A 15 1.99 0.65 2.45
C CYS A 15 1.03 0.13 3.50
N HIS A 16 0.16 1.01 3.99
CA HIS A 16 -0.82 0.64 5.01
C HIS A 16 -2.22 0.53 4.41
N GLU A 17 -2.38 1.10 3.22
CA GLU A 17 -3.67 1.05 2.53
C GLU A 17 -3.96 -0.34 1.99
N CYS A 18 -2.93 -0.98 1.44
CA CYS A 18 -3.07 -2.32 0.89
C CYS A 18 -2.13 -3.30 1.58
N GLY A 19 -0.92 -2.83 1.88
CA GLY A 19 0.07 -3.66 2.53
C GLY A 19 1.17 -4.12 1.60
N ARG A 20 1.56 -3.24 0.68
CA ARG A 20 2.60 -3.56 -0.29
C ARG A 20 3.98 -3.15 0.24
N GLY A 21 5.02 -3.54 -0.48
CA GLY A 21 6.37 -3.20 -0.07
C GLY A 21 7.20 -2.62 -1.20
N PHE A 22 7.92 -1.54 -0.90
CA PHE A 22 8.76 -0.89 -1.90
C PHE A 22 10.15 -0.60 -1.34
N THR A 23 11.17 -0.84 -2.17
CA THR A 23 12.55 -0.62 -1.76
C THR A 23 12.82 0.85 -1.54
N LEU A 24 12.56 1.67 -2.55
CA LEU A 24 12.78 3.10 -2.46
C LEU A 24 11.54 3.81 -1.92
N LYS A 25 11.75 4.86 -1.13
CA LYS A 25 10.65 5.62 -0.56
C LYS A 25 9.76 6.21 -1.65
N SER A 26 10.40 6.76 -2.68
CA SER A 26 9.67 7.36 -3.79
C SER A 26 8.63 6.40 -4.35
N HIS A 27 9.04 5.14 -4.52
CA HIS A 27 8.14 4.11 -5.04
C HIS A 27 6.84 4.07 -4.24
N LEU A 28 6.95 3.80 -2.95
CA LEU A 28 5.79 3.72 -2.07
C LEU A 28 4.99 5.02 -2.11
N ASN A 29 5.70 6.14 -2.00
CA ASN A 29 5.05 7.45 -2.02
C ASN A 29 4.17 7.60 -3.25
N GLN A 30 4.76 7.40 -4.43
CA GLN A 30 4.03 7.51 -5.68
C GLN A 30 3.01 6.37 -5.82
N HIS A 31 3.08 5.41 -4.92
CA HIS A 31 2.17 4.27 -4.94
C HIS A 31 0.92 4.57 -4.13
N GLN A 32 1.10 5.21 -2.98
CA GLN A 32 -0.02 5.55 -2.10
C GLN A 32 -1.05 6.39 -2.85
N ARG A 33 -0.67 6.90 -4.01
CA ARG A 33 -1.56 7.72 -4.82
C ARG A 33 -2.76 6.92 -5.31
N ILE A 34 -2.65 5.60 -5.23
CA ILE A 34 -3.72 4.71 -5.66
C ILE A 34 -4.83 4.65 -4.63
N HIS A 35 -4.55 5.17 -3.43
CA HIS A 35 -5.53 5.18 -2.36
C HIS A 35 -5.94 6.60 -2.00
N THR A 36 -5.00 7.54 -2.17
CA THR A 36 -5.27 8.94 -1.87
C THR A 36 -6.53 9.43 -2.56
N GLY A 37 -7.51 9.86 -1.76
CA GLY A 37 -8.76 10.35 -2.31
C GLY A 37 -9.93 9.44 -1.97
N GLU A 38 -10.85 9.29 -2.92
CA GLU A 38 -12.03 8.45 -2.71
C GLU A 38 -11.66 6.97 -2.81
N LYS A 39 -12.36 6.14 -2.04
CA LYS A 39 -12.11 4.71 -2.04
C LYS A 39 -13.31 3.95 -2.62
N PRO A 40 -13.20 3.55 -3.89
CA PRO A 40 -14.26 2.81 -4.58
C PRO A 40 -14.42 1.39 -4.04
N SER A 41 -13.52 1.00 -3.15
CA SER A 41 -13.58 -0.34 -2.56
C SER A 41 -14.94 -0.62 -1.93
N GLY A 42 -15.32 -1.88 -1.90
CA GLY A 42 -16.60 -2.26 -1.33
C GLY A 42 -16.48 -2.68 0.13
N PRO A 43 -16.21 -3.98 0.35
CA PRO A 43 -16.07 -4.55 1.69
C PRO A 43 -14.81 -4.05 2.40
N SER A 44 -14.75 -4.26 3.71
CA SER A 44 -13.61 -3.83 4.51
C SER A 44 -12.80 -5.04 4.99
N SER A 45 -11.48 -4.88 5.02
CA SER A 45 -10.60 -5.96 5.45
C SER A 45 -9.44 -5.41 6.27
N GLY A 46 -8.62 -6.31 6.81
CA GLY A 46 -7.49 -5.89 7.62
C GLY A 46 -6.86 -4.61 7.12
N GLY A 1 1.75 -18.90 -0.36
CA GLY A 1 1.35 -19.64 -1.54
C GLY A 1 2.06 -20.97 -1.68
N SER A 2 2.97 -21.05 -2.65
CA SER A 2 3.72 -22.28 -2.88
C SER A 2 5.10 -22.20 -2.24
N SER A 3 5.78 -21.08 -2.47
CA SER A 3 7.12 -20.88 -1.92
C SER A 3 7.13 -19.73 -0.93
N GLY A 4 6.78 -18.54 -1.40
CA GLY A 4 6.75 -17.36 -0.54
C GLY A 4 7.70 -16.28 -1.02
N SER A 5 9.00 -16.56 -0.97
CA SER A 5 10.00 -15.59 -1.39
C SER A 5 9.57 -14.89 -2.68
N SER A 6 9.31 -13.58 -2.57
CA SER A 6 8.88 -12.80 -3.71
C SER A 6 9.96 -11.78 -4.10
N GLY A 7 11.22 -12.23 -4.08
CA GLY A 7 12.33 -11.36 -4.44
C GLY A 7 12.93 -10.67 -3.23
N SER A 8 12.33 -9.57 -2.81
CA SER A 8 12.83 -8.81 -1.67
C SER A 8 12.18 -9.31 -0.37
N SER A 9 12.82 -10.30 0.24
CA SER A 9 12.31 -10.88 1.49
C SER A 9 11.69 -9.79 2.37
N THR A 10 12.48 -8.76 2.65
CA THR A 10 12.01 -7.66 3.50
C THR A 10 11.98 -6.35 2.71
N LYS A 11 11.40 -5.32 3.32
CA LYS A 11 11.32 -4.01 2.68
C LYS A 11 11.49 -2.89 3.71
N SER A 12 11.76 -1.69 3.22
CA SER A 12 11.95 -0.53 4.10
C SER A 12 10.63 0.18 4.35
N HIS A 13 9.96 0.57 3.27
CA HIS A 13 8.68 1.26 3.37
C HIS A 13 7.53 0.36 2.93
N GLN A 14 6.54 0.20 3.80
CA GLN A 14 5.38 -0.63 3.50
C GLN A 14 4.09 0.17 3.58
N CYS A 15 3.21 -0.04 2.61
CA CYS A 15 1.94 0.67 2.57
C CYS A 15 0.99 0.15 3.66
N HIS A 16 0.07 1.00 4.09
CA HIS A 16 -0.89 0.63 5.13
C HIS A 16 -2.28 0.45 4.53
N GLU A 17 -2.50 1.00 3.34
CA GLU A 17 -3.78 0.90 2.67
C GLU A 17 -4.00 -0.50 2.11
N CYS A 18 -2.93 -1.08 1.56
CA CYS A 18 -3.00 -2.42 0.99
C CYS A 18 -1.97 -3.34 1.63
N GLY A 19 -0.78 -2.81 1.90
CA GLY A 19 0.27 -3.59 2.50
C GLY A 19 1.29 -4.09 1.50
N ARG A 20 1.82 -3.17 0.70
CA ARG A 20 2.80 -3.52 -0.31
C ARG A 20 4.22 -3.24 0.18
N GLY A 21 5.21 -3.68 -0.60
CA GLY A 21 6.60 -3.47 -0.22
C GLY A 21 7.40 -2.78 -1.31
N PHE A 22 7.96 -1.62 -0.98
CA PHE A 22 8.75 -0.85 -1.93
C PHE A 22 10.16 -0.61 -1.40
N THR A 23 11.15 -0.87 -2.25
CA THR A 23 12.55 -0.69 -1.87
C THR A 23 12.88 0.79 -1.69
N LEU A 24 12.52 1.59 -2.68
CA LEU A 24 12.77 3.03 -2.64
C LEU A 24 11.56 3.79 -2.11
N LYS A 25 11.79 4.68 -1.16
CA LYS A 25 10.72 5.47 -0.57
C LYS A 25 9.80 6.05 -1.65
N SER A 26 10.39 6.78 -2.59
CA SER A 26 9.64 7.38 -3.67
C SER A 26 8.57 6.42 -4.20
N HIS A 27 9.01 5.23 -4.60
CA HIS A 27 8.09 4.21 -5.12
C HIS A 27 6.81 4.19 -4.31
N LEU A 28 6.93 3.81 -3.04
CA LEU A 28 5.77 3.72 -2.15
C LEU A 28 4.93 5.00 -2.24
N ASN A 29 5.60 6.15 -2.13
CA ASN A 29 4.91 7.43 -2.20
C ASN A 29 4.06 7.53 -3.45
N GLN A 30 4.69 7.31 -4.60
CA GLN A 30 3.99 7.37 -5.88
C GLN A 30 2.95 6.26 -5.99
N HIS A 31 2.95 5.36 -5.02
CA HIS A 31 2.01 4.25 -5.01
C HIS A 31 0.79 4.58 -4.15
N GLN A 32 1.05 5.11 -2.95
CA GLN A 32 -0.03 5.48 -2.04
C GLN A 32 -1.07 6.36 -2.73
N ARG A 33 -0.61 7.15 -3.70
CA ARG A 33 -1.51 8.03 -4.44
C ARG A 33 -2.66 7.25 -5.05
N ILE A 34 -2.46 5.96 -5.24
CA ILE A 34 -3.49 5.09 -5.83
C ILE A 34 -4.69 4.98 -4.90
N HIS A 35 -4.47 5.20 -3.61
CA HIS A 35 -5.53 5.13 -2.62
C HIS A 35 -6.16 6.49 -2.40
N THR A 36 -6.02 7.37 -3.38
CA THR A 36 -6.57 8.72 -3.28
C THR A 36 -6.44 9.46 -4.61
N GLY A 37 -7.57 9.84 -5.20
CA GLY A 37 -7.56 10.55 -6.45
C GLY A 37 -8.84 11.31 -6.71
N GLU A 38 -9.89 10.59 -7.10
CA GLU A 38 -11.18 11.22 -7.38
C GLU A 38 -12.13 11.04 -6.20
N LYS A 39 -12.77 12.13 -5.80
CA LYS A 39 -13.71 12.10 -4.69
C LYS A 39 -15.14 12.30 -5.17
N PRO A 40 -15.73 11.22 -5.72
CA PRO A 40 -17.10 11.25 -6.24
C PRO A 40 -18.13 11.35 -5.12
N SER A 41 -17.78 10.85 -3.94
CA SER A 41 -18.68 10.88 -2.80
C SER A 41 -17.96 10.41 -1.54
N GLY A 42 -17.88 11.30 -0.55
CA GLY A 42 -17.21 10.94 0.70
C GLY A 42 -17.18 12.11 1.68
N PRO A 43 -16.51 11.89 2.82
CA PRO A 43 -16.39 12.92 3.86
C PRO A 43 -15.50 14.08 3.43
N SER A 44 -15.70 15.23 4.06
CA SER A 44 -14.91 16.42 3.74
C SER A 44 -13.68 16.51 4.64
N SER A 45 -12.71 17.31 4.22
CA SER A 45 -11.48 17.48 4.97
C SER A 45 -11.48 18.81 5.72
N GLY A 46 -10.50 18.99 6.60
CA GLY A 46 -10.40 20.23 7.36
C GLY A 46 -9.25 20.21 8.35
N GLY A 1 9.66 -23.26 23.51
CA GLY A 1 8.28 -22.96 23.84
C GLY A 1 7.76 -21.74 23.10
N SER A 2 8.50 -20.63 23.21
CA SER A 2 8.10 -19.39 22.56
C SER A 2 7.92 -19.61 21.06
N SER A 3 6.97 -18.89 20.47
CA SER A 3 6.69 -19.00 19.05
C SER A 3 5.93 -17.78 18.53
N GLY A 4 5.78 -17.69 17.22
CA GLY A 4 5.07 -16.57 16.63
C GLY A 4 5.52 -16.28 15.21
N SER A 5 4.86 -15.31 14.58
CA SER A 5 5.19 -14.93 13.21
C SER A 5 5.42 -13.43 13.09
N SER A 6 6.13 -12.87 14.07
CA SER A 6 6.41 -11.44 14.08
C SER A 6 7.72 -11.14 13.36
N GLY A 7 7.92 -11.77 12.20
CA GLY A 7 9.12 -11.56 11.43
C GLY A 7 8.84 -11.20 9.99
N SER A 8 7.99 -10.20 9.78
CA SER A 8 7.63 -9.78 8.43
C SER A 8 8.32 -8.46 8.08
N SER A 9 9.57 -8.32 8.53
CA SER A 9 10.34 -7.10 8.26
C SER A 9 11.16 -7.26 6.99
N THR A 10 10.53 -7.75 5.94
CA THR A 10 11.21 -7.95 4.65
C THR A 10 10.96 -6.78 3.72
N LYS A 11 10.98 -5.57 4.26
CA LYS A 11 10.76 -4.37 3.47
C LYS A 11 11.00 -3.11 4.30
N SER A 12 11.46 -2.06 3.65
CA SER A 12 11.74 -0.80 4.33
C SER A 12 10.50 0.09 4.36
N HIS A 13 9.95 0.37 3.18
CA HIS A 13 8.76 1.20 3.08
C HIS A 13 7.55 0.38 2.66
N GLN A 14 6.66 0.10 3.62
CA GLN A 14 5.46 -0.69 3.35
C GLN A 14 4.22 0.18 3.44
N CYS A 15 3.26 -0.09 2.56
CA CYS A 15 2.01 0.68 2.55
C CYS A 15 1.07 0.20 3.65
N HIS A 16 0.10 1.03 4.00
CA HIS A 16 -0.86 0.70 5.05
C HIS A 16 -2.25 0.48 4.45
N GLU A 17 -2.51 1.11 3.30
CA GLU A 17 -3.79 0.98 2.62
C GLU A 17 -4.00 -0.44 2.11
N CYS A 18 -2.94 -1.02 1.56
CA CYS A 18 -3.01 -2.38 1.03
C CYS A 18 -1.98 -3.28 1.70
N GLY A 19 -0.79 -2.74 1.93
CA GLY A 19 0.27 -3.50 2.57
C GLY A 19 1.38 -3.87 1.61
N ARG A 20 1.49 -3.11 0.52
CA ARG A 20 2.52 -3.36 -0.48
C ARG A 20 3.90 -2.98 0.04
N GLY A 21 4.94 -3.46 -0.63
CA GLY A 21 6.30 -3.16 -0.21
C GLY A 21 7.11 -2.52 -1.32
N PHE A 22 7.94 -1.54 -0.96
CA PHE A 22 8.77 -0.85 -1.92
C PHE A 22 10.17 -0.60 -1.36
N THR A 23 11.18 -0.78 -2.21
CA THR A 23 12.57 -0.58 -1.80
C THR A 23 12.89 0.91 -1.65
N LEU A 24 12.54 1.68 -2.68
CA LEU A 24 12.80 3.11 -2.66
C LEU A 24 11.58 3.89 -2.16
N LYS A 25 11.76 4.62 -1.07
CA LYS A 25 10.67 5.41 -0.49
C LYS A 25 9.81 6.03 -1.58
N SER A 26 10.46 6.65 -2.56
CA SER A 26 9.75 7.29 -3.66
C SER A 26 8.68 6.37 -4.23
N HIS A 27 9.08 5.15 -4.57
CA HIS A 27 8.16 4.16 -5.13
C HIS A 27 6.86 4.12 -4.32
N LEU A 28 6.96 3.75 -3.06
CA LEU A 28 5.79 3.66 -2.19
C LEU A 28 5.01 4.96 -2.21
N ASN A 29 5.67 6.06 -1.84
CA ASN A 29 5.02 7.37 -1.83
C ASN A 29 4.10 7.54 -3.04
N GLN A 30 4.66 7.37 -4.23
CA GLN A 30 3.89 7.50 -5.45
C GLN A 30 2.75 6.49 -5.50
N HIS A 31 3.04 5.27 -5.05
CA HIS A 31 2.05 4.21 -5.04
C HIS A 31 0.84 4.60 -4.20
N GLN A 32 1.10 5.22 -3.05
CA GLN A 32 0.03 5.65 -2.16
C GLN A 32 -1.05 6.40 -2.92
N ARG A 33 -0.68 6.96 -4.07
CA ARG A 33 -1.61 7.71 -4.89
C ARG A 33 -2.84 6.86 -5.22
N ILE A 34 -2.63 5.59 -5.53
CA ILE A 34 -3.71 4.68 -5.86
C ILE A 34 -4.71 4.57 -4.72
N HIS A 35 -4.34 5.11 -3.56
CA HIS A 35 -5.20 5.09 -2.39
C HIS A 35 -5.70 6.49 -2.04
N THR A 36 -4.91 7.50 -2.41
CA THR A 36 -5.27 8.88 -2.14
C THR A 36 -6.57 9.26 -2.82
N GLY A 37 -7.30 10.21 -2.23
CA GLY A 37 -8.56 10.64 -2.81
C GLY A 37 -9.73 10.35 -1.89
N GLU A 38 -9.88 11.17 -0.85
CA GLU A 38 -10.97 11.00 0.11
C GLU A 38 -11.69 12.32 0.34
N LYS A 39 -12.88 12.24 0.93
CA LYS A 39 -13.68 13.42 1.22
C LYS A 39 -14.63 13.17 2.39
N PRO A 40 -14.68 14.12 3.33
CA PRO A 40 -15.55 14.03 4.51
C PRO A 40 -17.02 14.16 4.15
N SER A 41 -17.35 15.21 3.40
CA SER A 41 -18.72 15.45 3.00
C SER A 41 -18.78 16.18 1.66
N GLY A 42 -19.37 15.54 0.66
CA GLY A 42 -19.48 16.15 -0.66
C GLY A 42 -19.91 15.15 -1.72
N PRO A 43 -21.23 14.94 -1.83
CA PRO A 43 -21.79 14.00 -2.81
C PRO A 43 -21.65 14.51 -4.25
N SER A 44 -21.24 15.77 -4.39
CA SER A 44 -21.06 16.37 -5.71
C SER A 44 -22.37 16.33 -6.50
N SER A 45 -23.47 16.66 -5.83
CA SER A 45 -24.78 16.67 -6.47
C SER A 45 -25.83 17.26 -5.54
N GLY A 46 -26.96 17.66 -6.13
CA GLY A 46 -28.04 18.25 -5.34
C GLY A 46 -27.53 19.20 -4.28
N GLY A 1 -10.89 -13.79 9.94
CA GLY A 1 -11.19 -14.85 9.00
C GLY A 1 -10.07 -15.05 7.99
N SER A 2 -10.44 -15.13 6.71
CA SER A 2 -9.47 -15.33 5.64
C SER A 2 -9.39 -14.11 4.74
N SER A 3 -9.41 -12.92 5.34
CA SER A 3 -9.35 -11.67 4.60
C SER A 3 -8.48 -10.65 5.32
N GLY A 4 -7.49 -10.13 4.60
CA GLY A 4 -6.59 -9.14 5.19
C GLY A 4 -5.54 -9.76 6.07
N SER A 5 -4.87 -10.79 5.56
CA SER A 5 -3.83 -11.49 6.30
C SER A 5 -2.54 -11.61 5.48
N SER A 6 -1.76 -10.53 5.48
CA SER A 6 -0.50 -10.51 4.73
C SER A 6 0.66 -10.11 5.63
N GLY A 7 1.23 -11.09 6.33
CA GLY A 7 2.34 -10.81 7.21
C GLY A 7 3.49 -11.79 7.02
N SER A 8 4.12 -11.75 5.86
CA SER A 8 5.23 -12.63 5.54
C SER A 8 6.37 -11.86 4.90
N SER A 9 6.04 -11.01 3.94
CA SER A 9 7.04 -10.21 3.24
C SER A 9 7.11 -8.80 3.81
N THR A 10 8.31 -8.37 4.18
CA THR A 10 8.51 -7.04 4.74
C THR A 10 9.35 -6.17 3.81
N LYS A 11 9.19 -4.86 3.92
CA LYS A 11 9.94 -3.92 3.09
C LYS A 11 10.20 -2.61 3.85
N SER A 12 11.35 -2.02 3.61
CA SER A 12 11.73 -0.77 4.26
C SER A 12 10.51 0.15 4.40
N HIS A 13 9.77 0.31 3.31
CA HIS A 13 8.60 1.16 3.31
C HIS A 13 7.37 0.39 2.84
N GLN A 14 6.56 -0.07 3.80
CA GLN A 14 5.35 -0.83 3.48
C GLN A 14 4.11 0.06 3.57
N CYS A 15 3.20 -0.12 2.61
CA CYS A 15 1.98 0.67 2.59
C CYS A 15 1.03 0.25 3.72
N HIS A 16 0.07 1.11 4.02
CA HIS A 16 -0.90 0.83 5.08
C HIS A 16 -2.28 0.58 4.49
N GLU A 17 -2.52 1.12 3.30
CA GLU A 17 -3.81 0.95 2.64
C GLU A 17 -3.98 -0.48 2.14
N CYS A 18 -2.92 -1.03 1.56
CA CYS A 18 -2.95 -2.39 1.04
C CYS A 18 -1.89 -3.26 1.71
N GLY A 19 -0.71 -2.69 1.92
CA GLY A 19 0.37 -3.42 2.56
C GLY A 19 1.45 -3.84 1.58
N ARG A 20 1.62 -3.05 0.52
CA ARG A 20 2.63 -3.34 -0.50
C ARG A 20 4.03 -3.00 0.01
N GLY A 21 5.04 -3.48 -0.71
CA GLY A 21 6.41 -3.22 -0.32
C GLY A 21 7.22 -2.56 -1.42
N PHE A 22 7.90 -1.47 -1.09
CA PHE A 22 8.71 -0.75 -2.07
C PHE A 22 10.10 -0.47 -1.51
N THR A 23 11.12 -0.98 -2.19
CA THR A 23 12.50 -0.78 -1.77
C THR A 23 12.83 0.70 -1.65
N LEU A 24 12.43 1.47 -2.65
CA LEU A 24 12.69 2.91 -2.65
C LEU A 24 11.53 3.66 -2.02
N LYS A 25 11.86 4.64 -1.18
CA LYS A 25 10.84 5.46 -0.51
C LYS A 25 9.94 6.15 -1.52
N SER A 26 10.56 6.76 -2.53
CA SER A 26 9.80 7.46 -3.57
C SER A 26 8.75 6.56 -4.18
N HIS A 27 9.16 5.34 -4.56
CA HIS A 27 8.25 4.38 -5.16
C HIS A 27 6.94 4.31 -4.38
N LEU A 28 7.04 3.93 -3.12
CA LEU A 28 5.86 3.81 -2.26
C LEU A 28 5.04 5.09 -2.30
N ASN A 29 5.71 6.23 -2.11
CA ASN A 29 5.03 7.52 -2.12
C ASN A 29 4.08 7.62 -3.31
N GLN A 30 4.61 7.40 -4.50
CA GLN A 30 3.81 7.47 -5.72
C GLN A 30 2.73 6.39 -5.72
N HIS A 31 3.01 5.28 -5.05
CA HIS A 31 2.07 4.17 -4.98
C HIS A 31 0.85 4.55 -4.14
N GLN A 32 1.10 5.00 -2.92
CA GLN A 32 0.02 5.39 -2.01
C GLN A 32 -1.03 6.21 -2.75
N ARG A 33 -0.63 6.83 -3.85
CA ARG A 33 -1.54 7.65 -4.64
C ARG A 33 -2.78 6.85 -5.03
N ILE A 34 -2.58 5.59 -5.43
CA ILE A 34 -3.68 4.73 -5.83
C ILE A 34 -4.80 4.76 -4.80
N HIS A 35 -4.45 5.00 -3.55
CA HIS A 35 -5.42 5.06 -2.47
C HIS A 35 -5.87 6.50 -2.20
N THR A 36 -4.93 7.44 -2.40
CA THR A 36 -5.23 8.85 -2.18
C THR A 36 -6.37 9.31 -3.07
N GLY A 37 -7.43 9.83 -2.45
CA GLY A 37 -8.58 10.31 -3.19
C GLY A 37 -9.32 9.18 -3.90
N GLU A 38 -10.40 8.70 -3.27
CA GLU A 38 -11.19 7.63 -3.85
C GLU A 38 -12.28 8.18 -4.74
N LYS A 39 -11.93 8.50 -5.98
CA LYS A 39 -12.88 9.04 -6.94
C LYS A 39 -12.83 8.26 -8.25
N PRO A 40 -13.42 7.05 -8.25
CA PRO A 40 -13.46 6.19 -9.44
C PRO A 40 -14.37 6.74 -10.52
N SER A 41 -13.89 6.68 -11.77
CA SER A 41 -14.67 7.18 -12.90
C SER A 41 -15.22 6.01 -13.73
N GLY A 42 -16.52 5.78 -13.62
CA GLY A 42 -17.16 4.71 -14.36
C GLY A 42 -16.80 3.34 -13.81
N PRO A 43 -17.79 2.43 -13.82
CA PRO A 43 -17.60 1.06 -13.33
C PRO A 43 -16.68 0.24 -14.22
N SER A 44 -16.11 -0.82 -13.65
CA SER A 44 -15.20 -1.69 -14.39
C SER A 44 -15.08 -3.05 -13.71
N SER A 45 -14.99 -4.11 -14.53
CA SER A 45 -14.87 -5.46 -14.01
C SER A 45 -13.42 -5.78 -13.64
N GLY A 46 -13.24 -6.52 -12.54
CA GLY A 46 -11.91 -6.87 -12.10
C GLY A 46 -11.90 -7.42 -10.68
N GLY A 1 -12.53 -8.80 0.90
CA GLY A 1 -11.76 -9.90 1.43
C GLY A 1 -10.36 -9.50 1.82
N SER A 2 -10.18 -9.16 3.09
CA SER A 2 -8.87 -8.75 3.59
C SER A 2 -8.21 -9.87 4.40
N SER A 3 -8.33 -11.09 3.89
CA SER A 3 -7.74 -12.25 4.56
C SER A 3 -7.25 -13.27 3.55
N GLY A 4 -6.34 -14.15 3.97
CA GLY A 4 -5.81 -15.16 3.10
C GLY A 4 -4.38 -15.53 3.44
N SER A 5 -3.43 -14.70 3.04
CA SER A 5 -2.02 -14.95 3.30
C SER A 5 -1.23 -13.65 3.33
N SER A 6 -0.85 -13.22 4.53
CA SER A 6 -0.09 -11.98 4.70
C SER A 6 1.25 -12.26 5.38
N GLY A 7 2.24 -12.64 4.58
CA GLY A 7 3.56 -12.92 5.12
C GLY A 7 4.28 -11.67 5.58
N SER A 8 5.49 -11.84 6.10
CA SER A 8 6.28 -10.72 6.57
C SER A 8 7.52 -10.51 5.70
N SER A 9 7.70 -9.27 5.24
CA SER A 9 8.83 -8.94 4.40
C SER A 9 9.73 -7.90 5.06
N THR A 10 11.01 -7.94 4.74
CA THR A 10 11.97 -7.00 5.31
C THR A 10 12.00 -5.69 4.52
N LYS A 11 10.81 -5.17 4.20
CA LYS A 11 10.69 -3.93 3.45
C LYS A 11 10.35 -2.77 4.37
N SER A 12 11.00 -1.63 4.17
CA SER A 12 10.75 -0.45 4.98
C SER A 12 9.51 0.29 4.50
N HIS A 13 9.56 0.80 3.28
CA HIS A 13 8.43 1.53 2.70
C HIS A 13 7.26 0.60 2.43
N GLN A 14 6.47 0.32 3.48
CA GLN A 14 5.32 -0.56 3.36
C GLN A 14 4.02 0.24 3.42
N CYS A 15 3.13 -0.02 2.47
CA CYS A 15 1.85 0.67 2.41
C CYS A 15 0.89 0.14 3.47
N HIS A 16 0.00 1.00 3.95
CA HIS A 16 -0.98 0.62 4.97
C HIS A 16 -2.36 0.45 4.36
N GLU A 17 -2.54 0.97 3.15
CA GLU A 17 -3.82 0.87 2.46
C GLU A 17 -4.05 -0.53 1.92
N CYS A 18 -2.98 -1.13 1.38
CA CYS A 18 -3.06 -2.48 0.83
C CYS A 18 -2.07 -3.40 1.52
N GLY A 19 -0.89 -2.88 1.83
CA GLY A 19 0.13 -3.68 2.49
C GLY A 19 1.27 -4.05 1.56
N ARG A 20 1.54 -3.19 0.58
CA ARG A 20 2.61 -3.44 -0.38
C ARG A 20 3.96 -3.06 0.20
N GLY A 21 5.03 -3.51 -0.45
CA GLY A 21 6.37 -3.21 0.01
C GLY A 21 7.27 -2.72 -1.10
N PHE A 22 7.97 -1.61 -0.86
CA PHE A 22 8.87 -1.05 -1.85
C PHE A 22 10.27 -0.83 -1.27
N THR A 23 11.27 -0.84 -2.12
CA THR A 23 12.65 -0.65 -1.70
C THR A 23 12.99 0.82 -1.55
N LEU A 24 12.51 1.64 -2.48
CA LEU A 24 12.76 3.07 -2.45
C LEU A 24 11.51 3.84 -2.06
N LYS A 25 11.70 5.01 -1.45
CA LYS A 25 10.57 5.84 -1.02
C LYS A 25 9.69 6.21 -2.20
N SER A 26 10.25 6.98 -3.14
CA SER A 26 9.51 7.41 -4.31
C SER A 26 8.53 6.33 -4.76
N HIS A 27 8.98 5.09 -4.74
CA HIS A 27 8.15 3.96 -5.14
C HIS A 27 6.86 3.91 -4.32
N LEU A 28 7.02 3.76 -3.01
CA LEU A 28 5.87 3.70 -2.11
C LEU A 28 5.13 5.04 -2.07
N ASN A 29 5.88 6.11 -1.82
CA ASN A 29 5.30 7.45 -1.76
C ASN A 29 4.42 7.71 -2.97
N GLN A 30 4.86 7.24 -4.13
CA GLN A 30 4.10 7.44 -5.37
C GLN A 30 2.99 6.39 -5.48
N HIS A 31 3.14 5.28 -4.78
CA HIS A 31 2.15 4.22 -4.81
C HIS A 31 0.94 4.58 -3.97
N GLN A 32 1.18 5.12 -2.77
CA GLN A 32 0.11 5.52 -1.88
C GLN A 32 -0.93 6.37 -2.60
N ARG A 33 -0.54 6.91 -3.75
CA ARG A 33 -1.44 7.75 -4.55
C ARG A 33 -2.66 6.94 -4.99
N ILE A 34 -2.46 5.66 -5.26
CA ILE A 34 -3.55 4.79 -5.70
C ILE A 34 -4.61 4.66 -4.62
N HIS A 35 -4.32 5.18 -3.43
CA HIS A 35 -5.25 5.14 -2.31
C HIS A 35 -5.70 6.53 -1.91
N THR A 36 -5.54 7.49 -2.83
CA THR A 36 -5.92 8.86 -2.57
C THR A 36 -6.87 9.38 -3.66
N GLY A 37 -6.56 9.05 -4.91
CA GLY A 37 -7.38 9.49 -6.01
C GLY A 37 -7.88 8.35 -6.87
N GLU A 38 -7.01 7.36 -7.07
CA GLU A 38 -7.37 6.19 -7.88
C GLU A 38 -8.46 5.37 -7.20
N LYS A 39 -9.62 5.28 -7.85
CA LYS A 39 -10.74 4.53 -7.31
C LYS A 39 -11.07 3.34 -8.20
N PRO A 40 -10.34 2.24 -8.01
CA PRO A 40 -10.54 1.01 -8.78
C PRO A 40 -11.85 0.31 -8.43
N SER A 41 -12.12 0.15 -7.14
CA SER A 41 -13.33 -0.49 -6.68
C SER A 41 -13.65 -1.72 -7.54
N GLY A 42 -12.64 -2.54 -7.80
CA GLY A 42 -12.84 -3.73 -8.60
C GLY A 42 -12.38 -5.00 -7.90
N PRO A 43 -11.05 -5.20 -7.84
CA PRO A 43 -10.46 -6.37 -7.20
C PRO A 43 -10.61 -6.33 -5.68
N SER A 44 -11.24 -5.28 -5.18
CA SER A 44 -11.45 -5.12 -3.74
C SER A 44 -10.28 -5.70 -2.96
N SER A 45 -9.06 -5.42 -3.44
CA SER A 45 -7.85 -5.92 -2.78
C SER A 45 -7.34 -4.91 -1.75
N GLY A 46 -6.30 -5.29 -1.03
CA GLY A 46 -5.73 -4.41 -0.02
C GLY A 46 -4.92 -5.17 1.02
N GLY A 1 -1.46 -29.81 1.98
CA GLY A 1 -0.32 -29.64 1.10
C GLY A 1 0.50 -28.43 1.46
N SER A 2 0.67 -27.52 0.50
CA SER A 2 1.45 -26.31 0.71
C SER A 2 0.64 -25.06 0.33
N SER A 3 -0.08 -24.52 1.31
CA SER A 3 -0.89 -23.33 1.09
C SER A 3 -0.07 -22.07 1.22
N GLY A 4 1.15 -22.10 0.67
CA GLY A 4 2.02 -20.94 0.74
C GLY A 4 2.53 -20.67 2.14
N SER A 5 3.84 -20.61 2.30
CA SER A 5 4.45 -20.37 3.60
C SER A 5 4.85 -18.91 3.74
N SER A 6 5.77 -18.46 2.89
CA SER A 6 6.25 -17.09 2.93
C SER A 6 5.98 -16.39 1.59
N GLY A 7 4.81 -15.79 1.47
CA GLY A 7 4.46 -15.09 0.24
C GLY A 7 4.49 -13.59 0.40
N SER A 8 3.63 -13.06 1.24
CA SER A 8 3.56 -11.62 1.48
C SER A 8 4.90 -11.10 1.99
N SER A 9 5.56 -10.28 1.17
CA SER A 9 6.84 -9.71 1.53
C SER A 9 6.69 -8.27 2.01
N THR A 10 7.55 -7.87 2.95
CA THR A 10 7.50 -6.53 3.49
C THR A 10 8.82 -5.79 3.26
N LYS A 11 8.74 -4.49 3.01
CA LYS A 11 9.92 -3.68 2.78
C LYS A 11 9.95 -2.48 3.72
N SER A 12 11.14 -1.90 3.89
CA SER A 12 11.31 -0.75 4.76
C SER A 12 10.09 0.18 4.69
N HIS A 13 9.74 0.57 3.47
CA HIS A 13 8.59 1.45 3.26
C HIS A 13 7.38 0.66 2.80
N GLN A 14 6.67 0.06 3.75
CA GLN A 14 5.49 -0.73 3.44
C GLN A 14 4.23 0.13 3.50
N CYS A 15 3.29 -0.14 2.60
CA CYS A 15 2.04 0.61 2.56
C CYS A 15 1.11 0.19 3.69
N HIS A 16 0.14 1.06 4.00
CA HIS A 16 -0.82 0.78 5.07
C HIS A 16 -2.21 0.55 4.50
N GLU A 17 -2.43 1.05 3.29
CA GLU A 17 -3.73 0.90 2.64
C GLU A 17 -3.92 -0.52 2.12
N CYS A 18 -2.87 -1.08 1.53
CA CYS A 18 -2.92 -2.43 0.99
C CYS A 18 -1.88 -3.32 1.67
N GLY A 19 -0.70 -2.77 1.91
CA GLY A 19 0.36 -3.53 2.56
C GLY A 19 1.42 -3.99 1.58
N ARG A 20 1.69 -3.18 0.57
CA ARG A 20 2.68 -3.51 -0.44
C ARG A 20 4.09 -3.17 0.06
N GLY A 21 5.09 -3.69 -0.64
CA GLY A 21 6.47 -3.44 -0.26
C GLY A 21 7.27 -2.77 -1.37
N PHE A 22 7.89 -1.65 -1.05
CA PHE A 22 8.70 -0.91 -2.03
C PHE A 22 10.10 -0.67 -1.50
N THR A 23 11.10 -0.89 -2.36
CA THR A 23 12.49 -0.70 -1.99
C THR A 23 12.78 0.77 -1.69
N LEU A 24 12.52 1.62 -2.67
CA LEU A 24 12.75 3.06 -2.51
C LEU A 24 11.56 3.73 -1.84
N LYS A 25 11.84 4.81 -1.11
CA LYS A 25 10.79 5.55 -0.41
C LYS A 25 9.90 6.29 -1.41
N SER A 26 10.49 6.70 -2.53
CA SER A 26 9.75 7.43 -3.55
C SER A 26 8.78 6.50 -4.28
N HIS A 27 9.07 5.21 -4.25
CA HIS A 27 8.22 4.21 -4.90
C HIS A 27 6.89 4.09 -4.18
N LEU A 28 6.94 3.79 -2.88
CA LEU A 28 5.73 3.64 -2.08
C LEU A 28 4.86 4.88 -2.18
N ASN A 29 5.48 6.05 -2.08
CA ASN A 29 4.76 7.32 -2.16
C ASN A 29 3.95 7.40 -3.45
N GLN A 30 4.64 7.29 -4.58
CA GLN A 30 3.97 7.35 -5.88
C GLN A 30 2.90 6.28 -6.00
N HIS A 31 2.98 5.27 -5.14
CA HIS A 31 2.03 4.17 -5.15
C HIS A 31 0.80 4.52 -4.31
N GLN A 32 1.04 5.13 -3.15
CA GLN A 32 -0.04 5.51 -2.25
C GLN A 32 -1.02 6.45 -2.94
N ARG A 33 -0.59 7.03 -4.06
CA ARG A 33 -1.42 7.96 -4.82
C ARG A 33 -2.67 7.26 -5.34
N ILE A 34 -2.68 5.92 -5.27
CA ILE A 34 -3.81 5.14 -5.74
C ILE A 34 -4.89 5.05 -4.66
N HIS A 35 -4.48 5.16 -3.40
CA HIS A 35 -5.41 5.08 -2.28
C HIS A 35 -5.99 6.46 -1.97
N THR A 36 -5.77 7.40 -2.88
CA THR A 36 -6.27 8.76 -2.69
C THR A 36 -6.38 9.49 -4.03
N GLY A 37 -7.50 10.18 -4.23
CA GLY A 37 -7.71 10.91 -5.47
C GLY A 37 -8.27 12.30 -5.23
N GLU A 38 -9.16 12.74 -6.11
CA GLU A 38 -9.77 14.06 -5.99
C GLU A 38 -11.29 13.96 -5.90
N LYS A 39 -11.77 12.74 -5.68
CA LYS A 39 -13.21 12.51 -5.57
C LYS A 39 -13.55 11.83 -4.24
N PRO A 40 -14.56 12.37 -3.55
CA PRO A 40 -15.01 11.84 -2.26
C PRO A 40 -15.70 10.48 -2.40
N SER A 41 -15.36 9.57 -1.49
CA SER A 41 -15.95 8.23 -1.52
C SER A 41 -17.06 8.10 -0.48
N GLY A 42 -16.83 8.66 0.70
CA GLY A 42 -17.82 8.60 1.76
C GLY A 42 -17.20 8.67 3.15
N PRO A 43 -16.83 7.50 3.69
CA PRO A 43 -16.21 7.42 5.02
C PRO A 43 -14.81 8.00 5.04
N SER A 44 -14.21 8.04 6.24
CA SER A 44 -12.86 8.57 6.39
C SER A 44 -12.70 9.88 5.64
N SER A 45 -13.70 10.75 5.73
CA SER A 45 -13.67 12.04 5.05
C SER A 45 -13.36 11.85 3.56
N GLY A 46 -13.92 10.79 2.97
CA GLY A 46 -13.70 10.52 1.57
C GLY A 46 -12.25 10.69 1.17
N GLY A 1 -10.56 -12.74 5.62
CA GLY A 1 -9.46 -13.67 5.50
C GLY A 1 -8.37 -13.39 6.51
N SER A 2 -8.07 -14.37 7.36
CA SER A 2 -7.03 -14.21 8.38
C SER A 2 -5.69 -13.89 7.74
N SER A 3 -5.36 -14.62 6.67
CA SER A 3 -4.09 -14.41 5.97
C SER A 3 -3.99 -12.99 5.43
N GLY A 4 -2.79 -12.59 5.04
CA GLY A 4 -2.58 -11.25 4.51
C GLY A 4 -1.24 -11.11 3.81
N SER A 5 -0.39 -10.23 4.34
CA SER A 5 0.92 -10.00 3.76
C SER A 5 1.97 -10.90 4.40
N SER A 6 3.20 -10.83 3.89
CA SER A 6 4.29 -11.64 4.41
C SER A 6 4.90 -10.98 5.64
N GLY A 7 4.35 -11.29 6.81
CA GLY A 7 4.86 -10.72 8.05
C GLY A 7 4.71 -9.21 8.10
N SER A 8 5.61 -8.56 8.82
CA SER A 8 5.58 -7.11 8.95
C SER A 8 6.81 -6.48 8.31
N SER A 9 6.77 -5.17 8.13
CA SER A 9 7.88 -4.44 7.52
C SER A 9 8.49 -5.24 6.38
N THR A 10 7.64 -5.88 5.58
CA THR A 10 8.10 -6.68 4.46
C THR A 10 9.31 -6.05 3.77
N LYS A 11 9.19 -4.77 3.43
CA LYS A 11 10.27 -4.03 2.78
C LYS A 11 10.55 -2.72 3.50
N SER A 12 11.69 -2.12 3.19
CA SER A 12 12.09 -0.86 3.81
C SER A 12 10.87 0.02 4.08
N HIS A 13 10.02 0.18 3.06
CA HIS A 13 8.82 0.99 3.18
C HIS A 13 7.60 0.23 2.67
N GLN A 14 6.67 -0.07 3.58
CA GLN A 14 5.46 -0.80 3.22
C GLN A 14 4.24 0.11 3.31
N CYS A 15 3.26 -0.12 2.43
CA CYS A 15 2.04 0.67 2.43
C CYS A 15 1.14 0.30 3.60
N HIS A 16 0.19 1.18 3.91
CA HIS A 16 -0.74 0.95 5.01
C HIS A 16 -2.15 0.72 4.49
N GLU A 17 -2.41 1.18 3.27
CA GLU A 17 -3.73 1.03 2.66
C GLU A 17 -3.94 -0.39 2.17
N CYS A 18 -2.92 -0.95 1.52
CA CYS A 18 -2.99 -2.31 1.00
C CYS A 18 -1.98 -3.22 1.70
N GLY A 19 -0.80 -2.67 1.98
CA GLY A 19 0.22 -3.45 2.65
C GLY A 19 1.32 -3.88 1.70
N ARG A 20 1.50 -3.13 0.62
CA ARG A 20 2.53 -3.45 -0.36
C ARG A 20 3.92 -3.03 0.12
N GLY A 21 4.94 -3.40 -0.63
CA GLY A 21 6.30 -3.05 -0.25
C GLY A 21 7.08 -2.42 -1.39
N PHE A 22 7.96 -1.48 -1.06
CA PHE A 22 8.77 -0.79 -2.06
C PHE A 22 10.16 -0.50 -1.53
N THR A 23 11.18 -0.96 -2.24
CA THR A 23 12.56 -0.74 -1.84
C THR A 23 12.85 0.74 -1.63
N LEU A 24 12.54 1.55 -2.62
CA LEU A 24 12.76 2.99 -2.54
C LEU A 24 11.57 3.69 -1.90
N LYS A 25 11.85 4.67 -1.04
CA LYS A 25 10.81 5.41 -0.36
C LYS A 25 9.96 6.19 -1.36
N SER A 26 10.59 6.67 -2.43
CA SER A 26 9.89 7.44 -3.45
C SER A 26 8.84 6.58 -4.15
N HIS A 27 9.19 5.32 -4.39
CA HIS A 27 8.27 4.39 -5.05
C HIS A 27 6.94 4.32 -4.31
N LEU A 28 6.96 3.87 -3.07
CA LEU A 28 5.76 3.76 -2.26
C LEU A 28 4.94 5.05 -2.33
N ASN A 29 5.55 6.15 -1.90
CA ASN A 29 4.89 7.45 -1.92
C ASN A 29 3.97 7.58 -3.13
N GLN A 30 4.54 7.41 -4.32
CA GLN A 30 3.78 7.50 -5.55
C GLN A 30 2.69 6.44 -5.60
N HIS A 31 3.01 5.25 -5.10
CA HIS A 31 2.05 4.15 -5.09
C HIS A 31 0.82 4.49 -4.24
N GLN A 32 1.08 5.04 -3.06
CA GLN A 32 -0.01 5.42 -2.16
C GLN A 32 -1.07 6.23 -2.90
N ARG A 33 -0.69 6.78 -4.04
CA ARG A 33 -1.62 7.58 -4.84
C ARG A 33 -2.85 6.77 -5.23
N ILE A 34 -2.66 5.47 -5.43
CA ILE A 34 -3.74 4.58 -5.81
C ILE A 34 -4.82 4.53 -4.72
N HIS A 35 -4.50 5.11 -3.57
CA HIS A 35 -5.44 5.14 -2.44
C HIS A 35 -5.91 6.56 -2.17
N THR A 36 -5.06 7.53 -2.47
CA THR A 36 -5.40 8.94 -2.25
C THR A 36 -6.68 9.31 -2.97
N GLY A 37 -7.64 9.86 -2.23
CA GLY A 37 -8.90 10.27 -2.82
C GLY A 37 -9.97 10.55 -1.78
N GLU A 38 -11.22 10.57 -2.21
CA GLU A 38 -12.34 10.84 -1.31
C GLU A 38 -13.67 10.46 -1.96
N LYS A 39 -14.37 9.53 -1.33
CA LYS A 39 -15.66 9.08 -1.85
C LYS A 39 -16.55 10.27 -2.23
N PRO A 40 -17.17 10.18 -3.42
CA PRO A 40 -18.05 11.24 -3.92
C PRO A 40 -19.35 11.34 -3.13
N SER A 41 -19.68 12.56 -2.68
CA SER A 41 -20.89 12.79 -1.91
C SER A 41 -22.13 12.58 -2.77
N GLY A 42 -22.25 13.38 -3.82
CA GLY A 42 -23.39 13.28 -4.72
C GLY A 42 -23.77 11.84 -4.99
N PRO A 43 -25.05 11.51 -4.76
CA PRO A 43 -25.57 10.16 -4.98
C PRO A 43 -25.65 9.79 -6.46
N SER A 44 -26.24 8.64 -6.75
CA SER A 44 -26.37 8.18 -8.14
C SER A 44 -27.36 7.03 -8.22
N SER A 45 -28.37 7.18 -9.08
CA SER A 45 -29.39 6.16 -9.26
C SER A 45 -28.77 4.87 -9.80
N GLY A 46 -28.04 4.99 -10.90
CA GLY A 46 -27.40 3.82 -11.50
C GLY A 46 -28.40 2.71 -11.78
N GLY A 1 -6.24 -14.30 -0.50
CA GLY A 1 -6.26 -15.41 0.44
C GLY A 1 -5.04 -15.44 1.34
N SER A 2 -4.60 -16.65 1.69
CA SER A 2 -3.44 -16.81 2.55
C SER A 2 -2.15 -16.42 1.83
N SER A 3 -1.86 -15.13 1.82
CA SER A 3 -0.66 -14.62 1.16
C SER A 3 -0.41 -13.17 1.54
N GLY A 4 0.84 -12.86 1.90
CA GLY A 4 1.20 -11.51 2.27
C GLY A 4 1.82 -10.73 1.13
N SER A 5 2.88 -9.99 1.43
CA SER A 5 3.57 -9.20 0.41
C SER A 5 4.78 -9.94 -0.13
N SER A 6 5.30 -9.46 -1.25
CA SER A 6 6.46 -10.08 -1.89
C SER A 6 7.30 -9.04 -2.62
N GLY A 7 8.60 -9.28 -2.69
CA GLY A 7 9.49 -8.35 -3.37
C GLY A 7 10.52 -9.06 -4.22
N SER A 8 11.69 -8.44 -4.38
CA SER A 8 12.77 -9.01 -5.18
C SER A 8 13.98 -9.33 -4.31
N SER A 9 14.34 -8.39 -3.44
CA SER A 9 15.49 -8.56 -2.55
C SER A 9 15.12 -8.22 -1.11
N THR A 10 14.92 -6.92 -0.86
CA THR A 10 14.56 -6.46 0.47
C THR A 10 13.59 -5.29 0.41
N LYS A 11 13.01 -4.93 1.56
CA LYS A 11 12.06 -3.84 1.62
C LYS A 11 12.30 -3.00 2.88
N SER A 12 12.13 -1.68 2.74
CA SER A 12 12.33 -0.76 3.86
C SER A 12 11.04 -0.02 4.18
N HIS A 13 10.26 0.30 3.14
CA HIS A 13 9.00 1.01 3.32
C HIS A 13 7.83 0.16 2.85
N GLN A 14 6.77 0.11 3.67
CA GLN A 14 5.59 -0.67 3.34
C GLN A 14 4.34 0.20 3.40
N CYS A 15 3.33 -0.16 2.60
CA CYS A 15 2.09 0.59 2.56
C CYS A 15 1.15 0.16 3.70
N HIS A 16 0.16 0.99 3.98
CA HIS A 16 -0.79 0.70 5.04
C HIS A 16 -2.19 0.51 4.48
N GLU A 17 -2.41 0.99 3.26
CA GLU A 17 -3.71 0.87 2.61
C GLU A 17 -3.92 -0.54 2.06
N CYS A 18 -2.86 -1.10 1.49
CA CYS A 18 -2.92 -2.45 0.93
C CYS A 18 -1.91 -3.37 1.59
N GLY A 19 -0.76 -2.80 1.96
CA GLY A 19 0.29 -3.59 2.59
C GLY A 19 1.39 -3.97 1.64
N ARG A 20 1.53 -3.21 0.55
CA ARG A 20 2.55 -3.48 -0.45
C ARG A 20 3.93 -3.10 0.07
N GLY A 21 4.98 -3.59 -0.59
CA GLY A 21 6.33 -3.29 -0.19
C GLY A 21 7.13 -2.61 -1.28
N PHE A 22 7.81 -1.53 -0.92
CA PHE A 22 8.62 -0.78 -1.88
C PHE A 22 9.99 -0.45 -1.31
N THR A 23 11.04 -0.88 -2.01
CA THR A 23 12.40 -0.64 -1.56
C THR A 23 12.71 0.86 -1.50
N LEU A 24 12.39 1.57 -2.58
CA LEU A 24 12.63 3.01 -2.64
C LEU A 24 11.47 3.78 -2.01
N LYS A 25 11.79 4.75 -1.17
CA LYS A 25 10.78 5.57 -0.52
C LYS A 25 9.87 6.25 -1.54
N SER A 26 10.46 6.68 -2.65
CA SER A 26 9.70 7.34 -3.70
C SER A 26 8.62 6.42 -4.27
N HIS A 27 8.98 5.16 -4.50
CA HIS A 27 8.05 4.18 -5.04
C HIS A 27 6.78 4.13 -4.19
N LEU A 28 6.94 3.81 -2.91
CA LEU A 28 5.81 3.73 -1.99
C LEU A 28 4.95 4.99 -2.06
N ASN A 29 5.61 6.15 -2.04
CA ASN A 29 4.91 7.42 -2.10
C ASN A 29 4.07 7.53 -3.36
N GLN A 30 4.73 7.34 -4.52
CA GLN A 30 4.04 7.41 -5.80
C GLN A 30 2.99 6.31 -5.92
N HIS A 31 3.02 5.37 -4.98
CA HIS A 31 2.07 4.26 -4.98
C HIS A 31 0.82 4.62 -4.20
N GLN A 32 1.00 5.28 -3.06
CA GLN A 32 -0.13 5.68 -2.22
C GLN A 32 -1.09 6.57 -3.00
N ARG A 33 -0.66 7.03 -4.17
CA ARG A 33 -1.48 7.90 -5.00
C ARG A 33 -2.74 7.16 -5.47
N ILE A 34 -2.71 5.83 -5.40
CA ILE A 34 -3.84 5.02 -5.82
C ILE A 34 -4.89 4.94 -4.71
N HIS A 35 -4.45 5.07 -3.47
CA HIS A 35 -5.36 5.02 -2.33
C HIS A 35 -5.87 6.42 -1.98
N THR A 36 -5.05 7.42 -2.25
CA THR A 36 -5.41 8.80 -1.96
C THR A 36 -6.55 9.28 -2.86
N GLY A 37 -6.67 8.65 -4.03
CA GLY A 37 -7.72 9.02 -4.96
C GLY A 37 -9.11 8.91 -4.35
N GLU A 38 -9.31 7.86 -3.55
CA GLU A 38 -10.61 7.65 -2.91
C GLU A 38 -10.66 8.36 -1.56
N LYS A 39 -11.81 8.27 -0.90
CA LYS A 39 -12.00 8.91 0.40
C LYS A 39 -11.77 7.90 1.53
N PRO A 40 -10.60 8.00 2.19
CA PRO A 40 -10.23 7.12 3.30
C PRO A 40 -11.07 7.37 4.54
N SER A 41 -12.05 6.51 4.78
CA SER A 41 -12.92 6.65 5.95
C SER A 41 -12.94 5.34 6.76
N GLY A 42 -12.01 5.23 7.69
CA GLY A 42 -11.94 4.05 8.53
C GLY A 42 -11.99 4.37 10.00
N PRO A 43 -12.19 3.33 10.84
CA PRO A 43 -12.26 3.49 12.30
C PRO A 43 -10.91 3.85 12.91
N SER A 44 -9.88 3.91 12.07
CA SER A 44 -8.54 4.24 12.53
C SER A 44 -8.38 5.74 12.70
N SER A 45 -8.44 6.21 13.95
CA SER A 45 -8.31 7.63 14.25
C SER A 45 -6.86 8.08 14.11
N GLY A 46 -6.64 9.37 14.30
CA GLY A 46 -5.29 9.92 14.18
C GLY A 46 -5.15 10.90 13.04
#